data_4N3O
#
_entry.id   4N3O
#
_cell.length_a   118.609
_cell.length_b   85.796
_cell.length_c   77.947
_cell.angle_alpha   90.00
_cell.angle_beta   122.39
_cell.angle_gamma   90.00
#
_symmetry.space_group_name_H-M   'C 1 2 1'
#
loop_
_entity.id
_entity.type
_entity.pdbx_description
1 polymer 'Putative D-glycero-D-manno-heptose 7-phosphate kinase'
2 non-polymer 'CALCIUM ION'
3 water water
#
_entity_poly.entity_id   1
_entity_poly.type   'polypeptide(L)'
_entity_poly.pdbx_seq_one_letter_code
;SNA(MSE)KTIRTQTPLRLGLAGGGTDINLYCDKYTGYVLNATISLYIHCTLIKREDGKIIFDSPDTNSYCEYESKEFLG
NDGKLDIFKSIYNRIVKDFTKKPLSFSLHTYSDVPSGSGLGGSSTLVVGVIKAFAEWLNLPLGEYEIAKLAYEIEREDLG
IVGGAQDQYAATFGGFNF(MSE)EFYNNKRVIVNPLRIKNWIASELEARTVLYFTNITREAKDIEEHKKGKLGDEKSLEA
(MSE)HAIKQDAIK(MSE)KEALFRADFGTLAQILGKSWRSKKIISEIVSNDELERIYKLAIDNGAYSGKTSGAGAGGF
(MSE)FFFVDPTKKYNLIKALRKEQGYVQDFSFTKEGVKSWRI
;
_entity_poly.pdbx_strand_id   A,B
#
loop_
_chem_comp.id
_chem_comp.type
_chem_comp.name
_chem_comp.formula
CA non-polymer 'CALCIUM ION' 'Ca 2'
#
# COMPACT_ATOMS: atom_id res chain seq x y z
N SER A 1 4.72 -29.12 -3.42
CA SER A 1 3.33 -29.03 -3.92
C SER A 1 2.46 -28.20 -2.97
N ASN A 2 1.20 -27.99 -3.35
CA ASN A 2 0.23 -27.24 -2.54
C ASN A 2 -0.97 -28.13 -2.23
N ALA A 3 -1.52 -28.00 -1.02
CA ALA A 3 -2.67 -28.82 -0.58
C ALA A 3 -4.01 -28.46 -1.27
N MSE A 4 -4.17 -27.19 -1.65
CA MSE A 4 -5.37 -26.69 -2.37
C MSE A 4 -6.69 -26.80 -1.66
O MSE A 4 -7.73 -26.69 -2.31
CB MSE A 4 -5.51 -27.36 -3.73
CG MSE A 4 -4.21 -27.31 -4.54
SE MSE A 4 -3.72 -25.44 -4.92
CE MSE A 4 -4.65 -25.36 -6.67
N LYS A 5 -6.68 -27.01 -0.35
CA LYS A 5 -7.95 -27.06 0.40
C LYS A 5 -8.17 -25.78 1.20
N THR A 6 -7.47 -24.71 0.84
CA THR A 6 -7.54 -23.43 1.52
C THR A 6 -7.81 -22.33 0.52
N ILE A 7 -8.75 -21.45 0.85
CA ILE A 7 -9.09 -20.33 -0.03
C ILE A 7 -8.81 -19.08 0.76
N ARG A 8 -8.24 -18.07 0.10
CA ARG A 8 -8.03 -16.82 0.77
C ARG A 8 -8.59 -15.76 -0.11
N THR A 9 -9.08 -14.68 0.50
CA THR A 9 -9.53 -13.52 -0.26
C THR A 9 -9.03 -12.26 0.44
N GLN A 10 -8.85 -11.22 -0.36
CA GLN A 10 -8.37 -9.93 0.11
C GLN A 10 -9.25 -8.90 -0.60
N THR A 11 -9.87 -8.03 0.19
CA THR A 11 -10.85 -7.08 -0.31
C THR A 11 -10.49 -5.71 0.21
N PRO A 12 -10.41 -4.72 -0.68
CA PRO A 12 -10.01 -3.42 -0.20
C PRO A 12 -11.12 -2.58 0.38
N LEU A 13 -10.74 -1.69 1.28
CA LEU A 13 -11.65 -0.72 1.85
C LEU A 13 -11.71 0.44 0.85
N ARG A 14 -12.55 1.42 1.12
CA ARG A 14 -12.71 2.50 0.19
C ARG A 14 -12.72 3.83 0.88
N LEU A 15 -12.43 4.84 0.10
CA LEU A 15 -12.39 6.19 0.55
C LEU A 15 -13.36 7.02 -0.27
N GLY A 16 -14.25 7.73 0.39
CA GLY A 16 -15.18 8.61 -0.29
C GLY A 16 -14.44 9.90 -0.56
N LEU A 17 -14.13 10.14 -1.82
CA LEU A 17 -13.40 11.33 -2.22
C LEU A 17 -14.31 12.52 -2.40
N ALA A 18 -15.50 12.29 -2.96
CA ALA A 18 -16.48 13.36 -3.13
C ALA A 18 -17.88 12.79 -3.32
N GLY A 19 -18.87 13.62 -3.02
CA GLY A 19 -20.26 13.25 -3.16
C GLY A 19 -21.17 14.45 -2.92
N GLY A 20 -22.39 14.36 -3.45
CA GLY A 20 -23.38 15.43 -3.30
C GLY A 20 -24.77 14.86 -3.50
N GLY A 21 -25.76 15.41 -2.79
CA GLY A 21 -27.14 14.94 -2.89
C GLY A 21 -28.13 15.97 -3.37
N THR A 22 -29.03 15.55 -4.26
CA THR A 22 -30.09 16.40 -4.82
C THR A 22 -31.41 15.62 -4.81
N ASP A 23 -32.36 16.07 -4.01
CA ASP A 23 -33.64 15.37 -3.86
C ASP A 23 -34.88 16.20 -4.17
N ILE A 24 -35.64 15.86 -5.21
CA ILE A 24 -35.38 14.73 -6.13
C ILE A 24 -35.81 15.17 -7.53
N ASN A 25 -36.99 15.77 -7.62
CA ASN A 25 -37.54 16.25 -8.90
C ASN A 25 -36.92 17.58 -9.36
N LEU A 26 -35.74 17.92 -8.81
CA LEU A 26 -35.00 19.12 -9.21
C LEU A 26 -34.58 19.02 -10.68
N TYR A 27 -34.44 17.78 -11.13
CA TYR A 27 -34.08 17.49 -12.51
C TYR A 27 -35.16 16.63 -13.12
N CYS A 28 -35.25 16.70 -14.45
CA CYS A 28 -36.22 15.91 -15.20
C CYS A 28 -35.69 14.49 -15.41
N ASP A 29 -34.46 14.24 -14.96
CA ASP A 29 -33.81 12.93 -15.06
C ASP A 29 -34.12 12.11 -13.82
N LYS A 30 -34.33 12.80 -12.70
CA LYS A 30 -34.57 12.20 -11.38
C LYS A 30 -33.19 11.90 -10.73
N TYR A 31 -32.21 12.73 -11.09
CA TYR A 31 -30.85 12.64 -10.60
C TYR A 31 -30.82 12.91 -9.09
N THR A 32 -30.55 11.87 -8.31
CA THR A 32 -30.49 11.97 -6.85
C THR A 32 -29.18 12.59 -6.36
N GLY A 33 -28.09 12.32 -7.08
CA GLY A 33 -26.79 12.85 -6.73
C GLY A 33 -25.67 12.00 -7.27
N TYR A 34 -24.49 12.14 -6.67
CA TYR A 34 -23.34 11.37 -7.11
C TYR A 34 -22.40 11.09 -5.99
N VAL A 35 -21.49 10.16 -6.23
CA VAL A 35 -20.46 9.84 -5.29
C VAL A 35 -19.26 9.36 -6.12
N LEU A 36 -18.07 9.79 -5.70
CA LEU A 36 -16.83 9.38 -6.33
C LEU A 36 -16.04 8.72 -5.25
N ASN A 37 -15.83 7.42 -5.36
CA ASN A 37 -15.02 6.72 -4.38
C ASN A 37 -13.90 5.97 -5.06
N ALA A 38 -12.98 5.46 -4.24
CA ALA A 38 -11.81 4.80 -4.77
C ALA A 38 -11.28 3.84 -3.74
N THR A 39 -10.95 2.63 -4.17
CA THR A 39 -10.43 1.65 -3.23
C THR A 39 -9.03 1.98 -2.83
N ILE A 40 -8.67 1.60 -1.61
CA ILE A 40 -7.34 1.85 -1.09
C ILE A 40 -6.70 0.59 -0.52
N SER A 41 -5.39 0.68 -0.27
CA SER A 41 -4.57 -0.44 0.18
C SER A 41 -4.71 -0.83 1.65
N LEU A 42 -5.94 -0.83 2.16
CA LEU A 42 -6.23 -1.23 3.53
C LEU A 42 -7.30 -2.28 3.27
N TYR A 43 -7.12 -3.44 3.84
CA TYR A 43 -7.94 -4.56 3.48
C TYR A 43 -8.57 -5.36 4.59
N ILE A 44 -9.52 -6.18 4.17
CA ILE A 44 -10.14 -7.18 4.99
C ILE A 44 -9.63 -8.50 4.40
N HIS A 45 -9.06 -9.34 5.26
CA HIS A 45 -8.46 -10.58 4.87
C HIS A 45 -9.33 -11.72 5.33
N CYS A 46 -9.56 -12.69 4.46
N CYS A 46 -9.51 -12.71 4.47
CA CYS A 46 -10.36 -13.86 4.79
CA CYS A 46 -10.34 -13.84 4.79
C CYS A 46 -9.67 -15.14 4.36
C CYS A 46 -9.71 -15.14 4.34
N THR A 47 -9.69 -16.13 5.24
CA THR A 47 -9.16 -17.45 4.94
C THR A 47 -10.29 -18.45 5.22
N LEU A 48 -10.57 -19.32 4.26
CA LEU A 48 -11.61 -20.34 4.42
C LEU A 48 -10.96 -21.70 4.24
N ILE A 49 -11.00 -22.52 5.29
CA ILE A 49 -10.39 -23.85 5.25
C ILE A 49 -11.41 -24.98 5.39
N LYS A 50 -11.46 -25.83 4.36
CA LYS A 50 -12.33 -26.99 4.38
C LYS A 50 -11.86 -27.96 5.45
N ARG A 51 -12.81 -28.52 6.18
CA ARG A 51 -12.51 -29.50 7.23
C ARG A 51 -13.55 -30.62 7.18
N GLU A 52 -13.13 -31.85 7.43
CA GLU A 52 -14.03 -33.00 7.34
C GLU A 52 -14.33 -33.61 8.69
N ASP A 53 -15.06 -32.87 9.51
CA ASP A 53 -15.46 -33.33 10.84
C ASP A 53 -16.83 -32.78 11.20
N GLY A 54 -17.58 -32.34 10.20
CA GLY A 54 -18.92 -31.81 10.42
C GLY A 54 -18.96 -30.61 11.34
N LYS A 55 -17.90 -29.83 11.35
CA LYS A 55 -17.83 -28.61 12.15
C LYS A 55 -17.79 -27.34 11.30
N ILE A 56 -18.29 -26.27 11.88
CA ILE A 56 -18.28 -24.98 11.24
C ILE A 56 -17.73 -24.00 12.27
N ILE A 57 -16.60 -23.37 11.93
CA ILE A 57 -15.92 -22.43 12.80
C ILE A 57 -15.85 -21.05 12.16
N PHE A 58 -16.18 -20.03 12.93
CA PHE A 58 -16.09 -18.66 12.50
C PHE A 58 -15.10 -18.01 13.45
N ASP A 59 -13.99 -17.48 12.92
CA ASP A 59 -12.91 -16.92 13.74
C ASP A 59 -12.52 -15.50 13.32
N SER A 60 -12.84 -14.55 14.19
CA SER A 60 -12.61 -13.13 13.96
C SER A 60 -11.89 -12.52 15.17
N PRO A 61 -10.57 -12.69 15.25
CA PRO A 61 -9.78 -12.20 16.40
C PRO A 61 -9.73 -10.68 16.59
N ASP A 62 -9.77 -9.91 15.52
CA ASP A 62 -9.77 -8.45 15.68
C ASP A 62 -11.01 -7.96 16.43
N THR A 63 -12.06 -8.79 16.51
CA THR A 63 -13.26 -8.44 17.28
C THR A 63 -13.39 -9.37 18.50
N ASN A 64 -12.35 -10.14 18.79
CA ASN A 64 -12.39 -11.10 19.92
C ASN A 64 -13.62 -11.99 19.90
N SER A 65 -13.91 -12.60 18.75
CA SER A 65 -15.07 -13.48 18.60
C SER A 65 -14.65 -14.78 17.96
N TYR A 66 -15.17 -15.87 18.50
CA TYR A 66 -14.89 -17.21 17.99
C TYR A 66 -16.14 -18.08 18.21
N CYS A 67 -16.67 -18.66 17.12
CA CYS A 67 -17.85 -19.51 17.15
C CYS A 67 -17.57 -20.90 16.62
N GLU A 68 -18.25 -21.88 17.18
CA GLU A 68 -18.13 -23.24 16.71
C GLU A 68 -19.53 -23.85 16.76
N TYR A 69 -19.94 -24.50 15.67
CA TYR A 69 -21.25 -25.13 15.58
C TYR A 69 -21.15 -26.41 14.80
N GLU A 70 -22.22 -27.19 14.85
CA GLU A 70 -22.34 -28.42 14.10
C GLU A 70 -22.83 -28.09 12.69
N SER A 71 -22.26 -28.75 11.70
CA SER A 71 -22.62 -28.56 10.30
C SER A 71 -24.10 -28.90 10.03
N LYS A 72 -24.88 -27.87 9.68
CA LYS A 72 -26.31 -28.02 9.33
C LYS A 72 -26.72 -26.97 8.29
N GLU A 73 -27.93 -27.08 7.74
CA GLU A 73 -28.39 -26.17 6.69
C GLU A 73 -28.67 -24.74 7.12
N PHE A 74 -29.19 -24.56 8.34
CA PHE A 74 -29.50 -23.23 8.84
C PHE A 74 -28.96 -23.02 10.24
N LEU A 75 -28.26 -21.91 10.43
CA LEU A 75 -27.70 -21.53 11.71
C LEU A 75 -28.48 -20.34 12.25
N GLY A 76 -29.21 -20.56 13.34
CA GLY A 76 -30.01 -19.51 13.96
C GLY A 76 -29.12 -18.51 14.64
N ASN A 77 -29.64 -17.30 14.83
CA ASN A 77 -28.88 -16.20 15.45
C ASN A 77 -28.63 -16.36 16.93
N ASP A 78 -27.42 -16.01 17.37
CA ASP A 78 -27.06 -16.12 18.78
C ASP A 78 -26.22 -14.96 19.30
N GLY A 79 -26.11 -13.89 18.52
CA GLY A 79 -25.35 -12.69 18.94
C GLY A 79 -23.85 -12.68 18.71
N LYS A 80 -23.28 -13.80 18.25
CA LYS A 80 -21.84 -13.87 17.97
C LYS A 80 -21.58 -14.11 16.47
N LEU A 81 -21.19 -13.04 15.78
CA LEU A 81 -20.87 -13.09 14.36
C LEU A 81 -22.09 -13.53 13.53
N ASP A 82 -23.24 -12.96 13.85
CA ASP A 82 -24.49 -13.27 13.11
C ASP A 82 -24.39 -12.93 11.64
N ILE A 83 -23.46 -12.04 11.30
CA ILE A 83 -23.26 -11.66 9.89
C ILE A 83 -22.77 -12.86 9.06
N PHE A 84 -21.90 -13.70 9.63
CA PHE A 84 -21.42 -14.87 8.89
C PHE A 84 -22.52 -15.93 8.76
N LYS A 85 -23.38 -16.03 9.75
CA LYS A 85 -24.47 -16.99 9.63
C LYS A 85 -25.37 -16.63 8.46
N SER A 86 -25.76 -15.36 8.35
CA SER A 86 -26.62 -14.93 7.24
C SER A 86 -25.99 -15.30 5.90
N ILE A 87 -24.68 -15.06 5.77
CA ILE A 87 -23.97 -15.39 4.56
C ILE A 87 -24.03 -16.90 4.36
N TYR A 88 -23.62 -17.65 5.38
CA TYR A 88 -23.66 -19.10 5.28
C TYR A 88 -25.06 -19.61 4.89
N ASN A 89 -26.07 -19.20 5.64
CA ASN A 89 -27.45 -19.61 5.38
C ASN A 89 -27.86 -19.35 3.92
N ARG A 90 -27.45 -18.22 3.37
CA ARG A 90 -27.80 -17.86 2.01
C ARG A 90 -27.06 -18.72 0.98
N ILE A 91 -25.79 -19.01 1.24
CA ILE A 91 -25.02 -19.88 0.34
C ILE A 91 -25.61 -21.29 0.28
N VAL A 92 -26.19 -21.74 1.39
CA VAL A 92 -26.81 -23.08 1.44
C VAL A 92 -28.21 -23.11 0.82
N LYS A 93 -28.99 -22.05 1.06
N LYS A 93 -29.00 -22.06 1.05
CA LYS A 93 -30.35 -21.94 0.57
CA LYS A 93 -30.37 -21.97 0.54
C LYS A 93 -30.40 -21.80 -0.96
C LYS A 93 -30.41 -21.79 -0.97
N ASP A 94 -29.51 -20.98 -1.50
CA ASP A 94 -29.49 -20.70 -2.93
C ASP A 94 -28.50 -21.47 -3.83
N PHE A 95 -27.55 -22.21 -3.27
CA PHE A 95 -26.57 -22.91 -4.13
C PHE A 95 -26.31 -24.40 -3.82
N THR A 96 -25.69 -24.68 -2.66
CA THR A 96 -25.31 -26.06 -2.30
C THR A 96 -26.39 -27.05 -1.90
N LYS A 97 -27.52 -26.56 -1.37
CA LYS A 97 -28.66 -27.41 -0.94
C LYS A 97 -28.32 -28.42 0.16
N LYS A 98 -27.12 -28.31 0.71
CA LYS A 98 -26.66 -29.24 1.74
C LYS A 98 -25.70 -28.54 2.72
N PRO A 99 -25.45 -29.14 3.88
CA PRO A 99 -24.55 -28.52 4.84
C PRO A 99 -23.09 -28.56 4.37
N LEU A 100 -22.26 -27.70 4.94
CA LEU A 100 -20.84 -27.63 4.60
C LEU A 100 -20.03 -27.61 5.87
N SER A 101 -18.79 -28.09 5.78
CA SER A 101 -17.90 -28.12 6.95
C SER A 101 -16.62 -27.34 6.64
N PHE A 102 -16.33 -26.32 7.44
CA PHE A 102 -15.19 -25.44 7.19
C PHE A 102 -14.94 -24.52 8.36
N SER A 103 -13.80 -23.82 8.29
CA SER A 103 -13.46 -22.79 9.28
C SER A 103 -13.20 -21.51 8.48
N LEU A 104 -13.72 -20.38 8.98
CA LEU A 104 -13.60 -19.10 8.31
C LEU A 104 -12.90 -18.14 9.25
N HIS A 105 -11.79 -17.54 8.80
CA HIS A 105 -11.00 -16.66 9.66
C HIS A 105 -10.89 -15.30 8.98
N THR A 106 -11.15 -14.21 9.69
CA THR A 106 -11.07 -12.87 9.08
C THR A 106 -10.49 -11.80 9.99
N TYR A 107 -10.04 -10.71 9.37
CA TYR A 107 -9.55 -9.55 10.13
C TYR A 107 -9.35 -8.37 9.20
N SER A 108 -9.47 -7.18 9.76
CA SER A 108 -9.36 -5.94 9.01
C SER A 108 -8.08 -5.22 9.32
N ASP A 109 -7.56 -4.47 8.35
CA ASP A 109 -6.35 -3.66 8.60
C ASP A 109 -6.65 -2.41 9.42
N VAL A 110 -7.93 -2.06 9.56
CA VAL A 110 -8.33 -0.87 10.31
C VAL A 110 -9.27 -1.26 11.44
N PRO A 111 -9.27 -0.48 12.54
CA PRO A 111 -10.12 -0.75 13.69
C PRO A 111 -11.63 -0.62 13.44
N SER A 112 -12.39 -1.20 14.36
CA SER A 112 -13.84 -1.17 14.32
C SER A 112 -14.37 0.28 14.33
N GLY A 113 -15.44 0.51 13.56
CA GLY A 113 -16.08 1.83 13.52
C GLY A 113 -15.68 2.78 12.40
N SER A 114 -14.53 2.52 11.79
CA SER A 114 -14.03 3.37 10.71
C SER A 114 -15.11 3.59 9.60
N GLY A 115 -15.01 4.72 8.90
CA GLY A 115 -15.98 5.05 7.84
C GLY A 115 -15.40 4.82 6.46
N LEU A 116 -14.85 3.62 6.26
CA LEU A 116 -14.20 3.25 5.01
C LEU A 116 -14.87 2.09 4.27
N GLY A 117 -16.13 1.82 4.56
CA GLY A 117 -16.88 0.73 3.91
C GLY A 117 -16.63 -0.63 4.51
N GLY A 118 -16.25 -0.63 5.78
CA GLY A 118 -15.92 -1.86 6.52
C GLY A 118 -16.88 -3.04 6.46
N SER A 119 -18.18 -2.79 6.57
CA SER A 119 -19.17 -3.89 6.58
C SER A 119 -19.40 -4.53 5.22
N SER A 120 -19.50 -3.70 4.19
CA SER A 120 -19.72 -4.17 2.85
C SER A 120 -18.50 -4.92 2.37
N THR A 121 -17.32 -4.35 2.66
CA THR A 121 -16.05 -4.95 2.33
C THR A 121 -15.92 -6.36 2.96
N LEU A 122 -16.39 -6.53 4.19
CA LEU A 122 -16.31 -7.83 4.86
C LEU A 122 -17.24 -8.86 4.20
N VAL A 123 -18.48 -8.47 3.96
CA VAL A 123 -19.47 -9.38 3.35
C VAL A 123 -18.99 -9.85 1.98
N VAL A 124 -18.46 -8.92 1.19
CA VAL A 124 -17.92 -9.25 -0.15
C VAL A 124 -16.76 -10.25 -0.06
N GLY A 125 -15.82 -10.02 0.83
CA GLY A 125 -14.69 -10.94 0.95
C GLY A 125 -15.10 -12.35 1.31
N VAL A 126 -16.08 -12.49 2.19
CA VAL A 126 -16.55 -13.80 2.64
C VAL A 126 -17.32 -14.53 1.52
N ILE A 127 -18.28 -13.81 0.92
CA ILE A 127 -19.06 -14.37 -0.18
C ILE A 127 -18.10 -14.87 -1.24
N LYS A 128 -17.08 -14.08 -1.56
CA LYS A 128 -16.09 -14.43 -2.58
C LYS A 128 -15.31 -15.69 -2.21
N ALA A 129 -15.08 -15.87 -0.92
CA ALA A 129 -14.38 -17.05 -0.46
C ALA A 129 -15.21 -18.30 -0.75
N PHE A 130 -16.51 -18.24 -0.45
CA PHE A 130 -17.42 -19.36 -0.72
C PHE A 130 -17.57 -19.63 -2.21
N ALA A 131 -17.69 -18.56 -2.99
CA ALA A 131 -17.84 -18.69 -4.44
C ALA A 131 -16.65 -19.41 -5.09
N GLU A 132 -15.45 -19.02 -4.67
N GLU A 132 -15.42 -19.04 -4.73
CA GLU A 132 -14.20 -19.59 -5.18
CA GLU A 132 -14.25 -19.71 -5.33
C GLU A 132 -14.05 -21.05 -4.76
C GLU A 132 -14.02 -21.10 -4.76
N TRP A 133 -14.39 -21.31 -3.50
CA TRP A 133 -14.28 -22.62 -2.92
C TRP A 133 -15.26 -23.62 -3.55
N LEU A 134 -16.51 -23.18 -3.70
CA LEU A 134 -17.58 -24.01 -4.20
C LEU A 134 -17.81 -23.89 -5.71
N ASN A 135 -17.00 -23.07 -6.38
CA ASN A 135 -17.09 -22.90 -7.85
C ASN A 135 -18.47 -22.40 -8.27
N LEU A 136 -19.03 -21.48 -7.49
CA LEU A 136 -20.35 -20.97 -7.79
C LEU A 136 -20.32 -20.09 -9.03
N PRO A 137 -21.37 -20.14 -9.86
CA PRO A 137 -21.39 -19.30 -11.06
C PRO A 137 -21.73 -17.85 -10.67
N LEU A 138 -20.73 -17.13 -10.16
CA LEU A 138 -20.93 -15.76 -9.67
C LEU A 138 -19.93 -14.72 -10.17
N GLY A 139 -20.38 -13.84 -11.05
CA GLY A 139 -19.51 -12.77 -11.53
C GLY A 139 -19.36 -11.75 -10.44
N GLU A 140 -18.57 -10.72 -10.70
CA GLU A 140 -18.33 -9.70 -9.70
C GLU A 140 -19.62 -8.92 -9.37
N TYR A 141 -20.41 -8.53 -10.37
CA TYR A 141 -21.67 -7.80 -10.11
C TYR A 141 -22.65 -8.62 -9.26
N GLU A 142 -22.75 -9.92 -9.57
CA GLU A 142 -23.62 -10.84 -8.83
C GLU A 142 -23.15 -10.96 -7.40
N ILE A 143 -21.85 -10.82 -7.16
CA ILE A 143 -21.36 -10.87 -5.79
C ILE A 143 -21.70 -9.59 -5.04
N ALA A 144 -21.61 -8.46 -5.72
CA ALA A 144 -21.97 -7.19 -5.11
C ALA A 144 -23.47 -7.15 -4.79
N LYS A 145 -24.32 -7.69 -5.69
CA LYS A 145 -25.76 -7.70 -5.40
C LYS A 145 -26.03 -8.54 -4.17
N LEU A 146 -25.54 -9.76 -4.20
CA LEU A 146 -25.75 -10.66 -3.09
C LEU A 146 -25.31 -9.95 -1.80
N ALA A 147 -24.13 -9.35 -1.81
CA ALA A 147 -23.64 -8.61 -0.64
C ALA A 147 -24.61 -7.51 -0.17
N TYR A 148 -25.18 -6.77 -1.13
CA TYR A 148 -26.09 -5.69 -0.82
C TYR A 148 -27.40 -6.21 -0.21
N GLU A 149 -27.92 -7.30 -0.77
CA GLU A 149 -29.18 -7.87 -0.29
C GLU A 149 -29.06 -8.34 1.14
N ILE A 150 -27.97 -9.02 1.41
CA ILE A 150 -27.70 -9.53 2.74
C ILE A 150 -27.54 -8.37 3.71
N GLU A 151 -26.86 -7.32 3.27
CA GLU A 151 -26.60 -6.19 4.16
C GLU A 151 -27.83 -5.30 4.45
N ARG A 152 -28.72 -5.11 3.47
N ARG A 152 -28.72 -5.13 3.46
CA ARG A 152 -29.91 -4.29 3.73
CA ARG A 152 -29.91 -4.30 3.68
C ARG A 152 -30.94 -5.06 4.56
C ARG A 152 -30.95 -5.05 4.52
N GLU A 153 -31.11 -6.35 4.23
CA GLU A 153 -32.10 -7.21 4.90
C GLU A 153 -31.72 -7.61 6.32
N ASP A 154 -30.48 -8.04 6.52
CA ASP A 154 -30.02 -8.50 7.81
C ASP A 154 -29.09 -7.51 8.55
N LEU A 155 -29.55 -6.25 8.60
CA LEU A 155 -28.86 -5.13 9.29
C LEU A 155 -29.78 -3.89 9.27
N GLY A 156 -29.77 -3.18 8.15
CA GLY A 156 -30.63 -2.00 8.01
C GLY A 156 -30.03 -0.79 7.32
N ILE A 157 -29.16 -1.01 6.33
CA ILE A 157 -28.54 0.09 5.57
C ILE A 157 -29.42 0.47 4.40
N VAL A 158 -29.37 1.74 4.01
CA VAL A 158 -30.14 2.27 2.89
C VAL A 158 -29.31 3.39 2.23
N GLY A 159 -29.40 3.49 0.90
CA GLY A 159 -28.66 4.51 0.16
C GLY A 159 -28.09 4.05 -1.18
N GLY A 160 -28.16 2.73 -1.44
CA GLY A 160 -27.65 2.16 -2.69
C GLY A 160 -26.49 1.23 -2.47
N ALA A 161 -26.15 0.44 -3.49
CA ALA A 161 -25.08 -0.55 -3.38
C ALA A 161 -23.66 0.03 -3.55
N GLN A 162 -23.52 1.31 -3.22
CA GLN A 162 -22.26 2.04 -3.37
C GLN A 162 -21.03 1.30 -2.88
N ASP A 163 -21.07 0.91 -1.61
CA ASP A 163 -19.93 0.28 -0.95
C ASP A 163 -19.61 -1.12 -1.44
N GLN A 164 -20.64 -1.85 -1.89
CA GLN A 164 -20.46 -3.21 -2.39
C GLN A 164 -19.80 -3.21 -3.77
N TYR A 165 -20.14 -2.22 -4.60
CA TYR A 165 -19.56 -2.12 -5.93
C TYR A 165 -18.11 -1.71 -5.84
N ALA A 166 -17.79 -0.82 -4.91
CA ALA A 166 -16.40 -0.37 -4.73
C ALA A 166 -15.53 -1.54 -4.30
N ALA A 167 -15.98 -2.28 -3.31
CA ALA A 167 -15.21 -3.42 -2.80
C ALA A 167 -15.04 -4.54 -3.85
N THR A 168 -16.08 -4.79 -4.62
CA THR A 168 -16.06 -5.84 -5.62
C THR A 168 -15.28 -5.47 -6.89
N PHE A 169 -15.58 -4.27 -7.43
CA PHE A 169 -14.97 -3.79 -8.67
C PHE A 169 -13.68 -3.05 -8.45
N GLY A 170 -13.55 -2.33 -7.35
CA GLY A 170 -12.31 -1.63 -7.08
C GLY A 170 -12.02 -0.49 -8.03
N GLY A 171 -10.87 0.15 -7.83
CA GLY A 171 -10.49 1.28 -8.65
C GLY A 171 -11.30 2.53 -8.26
N PHE A 172 -11.32 3.49 -9.17
CA PHE A 172 -12.07 4.71 -9.00
C PHE A 172 -13.40 4.45 -9.63
N ASN A 173 -14.47 4.76 -8.91
CA ASN A 173 -15.83 4.56 -9.40
C ASN A 173 -16.63 5.81 -9.19
N PHE A 174 -17.22 6.30 -10.26
CA PHE A 174 -18.07 7.47 -10.20
C PHE A 174 -19.48 6.94 -10.30
N MSE A 175 -20.28 7.19 -9.27
CA MSE A 175 -21.63 6.67 -9.25
C MSE A 175 -22.66 7.75 -9.27
O MSE A 175 -22.59 8.71 -8.50
CB MSE A 175 -21.72 5.79 -8.02
CG MSE A 175 -20.44 4.95 -7.97
SE MSE A 175 -20.72 3.51 -6.69
CE MSE A 175 -19.06 2.49 -6.79
N GLU A 176 -23.61 7.60 -10.19
CA GLU A 176 -24.70 8.55 -10.36
C GLU A 176 -26.00 7.89 -9.92
N PHE A 177 -26.79 8.65 -9.19
CA PHE A 177 -28.05 8.12 -8.66
C PHE A 177 -29.27 8.73 -9.33
N TYR A 178 -30.21 7.86 -9.70
CA TYR A 178 -31.44 8.28 -10.34
C TYR A 178 -32.67 7.76 -9.59
N ASN A 179 -33.50 8.71 -9.16
CA ASN A 179 -34.75 8.42 -8.46
C ASN A 179 -34.54 7.51 -7.25
N ASN A 180 -33.40 7.68 -6.57
CA ASN A 180 -33.03 6.92 -5.38
C ASN A 180 -33.17 5.41 -5.60
N LYS A 181 -33.07 4.99 -6.86
CA LYS A 181 -33.26 3.58 -7.20
C LYS A 181 -32.09 3.07 -8.07
N ARG A 182 -32.04 3.56 -9.31
CA ARG A 182 -30.98 3.15 -10.24
C ARG A 182 -29.61 3.76 -9.95
N VAL A 183 -28.66 2.90 -9.58
CA VAL A 183 -27.30 3.35 -9.35
C VAL A 183 -26.54 3.03 -10.62
N ILE A 184 -26.09 4.07 -11.31
CA ILE A 184 -25.28 3.89 -12.51
C ILE A 184 -23.84 4.01 -12.03
N VAL A 185 -23.08 2.95 -12.25
CA VAL A 185 -21.72 2.90 -11.81
C VAL A 185 -20.81 3.04 -13.01
N ASN A 186 -19.93 4.04 -12.97
CA ASN A 186 -18.96 4.25 -14.01
C ASN A 186 -17.58 3.83 -13.48
N PRO A 187 -17.13 2.60 -13.78
CA PRO A 187 -15.79 2.20 -13.35
C PRO A 187 -14.78 2.93 -14.25
N LEU A 188 -14.14 3.94 -13.68
CA LEU A 188 -13.21 4.79 -14.44
C LEU A 188 -11.87 4.16 -14.72
N ARG A 189 -11.38 4.40 -15.93
CA ARG A 189 -10.06 3.97 -16.27
C ARG A 189 -9.31 5.29 -16.03
N ILE A 190 -8.43 5.27 -15.04
CA ILE A 190 -7.68 6.45 -14.62
C ILE A 190 -6.20 6.23 -14.88
N LYS A 191 -5.56 7.27 -15.43
CA LYS A 191 -4.12 7.25 -15.68
C LYS A 191 -3.46 7.05 -14.34
N ASN A 192 -2.52 6.14 -14.28
CA ASN A 192 -1.82 5.83 -13.05
C ASN A 192 -1.21 7.03 -12.35
N TRP A 193 -0.68 7.99 -13.09
CA TRP A 193 -0.05 9.12 -12.45
C TRP A 193 -1.05 10.00 -11.74
N ILE A 194 -2.31 9.96 -12.17
CA ILE A 194 -3.34 10.75 -11.49
C ILE A 194 -3.42 10.25 -10.06
N ALA A 195 -3.52 8.93 -9.91
CA ALA A 195 -3.59 8.29 -8.60
C ALA A 195 -2.37 8.58 -7.78
N SER A 196 -1.19 8.49 -8.41
CA SER A 196 0.06 8.74 -7.73
C SER A 196 0.13 10.16 -7.24
N GLU A 197 -0.40 11.09 -8.04
CA GLU A 197 -0.37 12.50 -7.69
C GLU A 197 -1.34 12.74 -6.53
N LEU A 198 -2.52 12.11 -6.61
CA LEU A 198 -3.47 12.22 -5.49
C LEU A 198 -2.85 11.70 -4.19
N GLU A 199 -2.17 10.55 -4.26
CA GLU A 199 -1.47 9.98 -3.08
C GLU A 199 -0.43 10.94 -2.56
N ALA A 200 0.30 11.60 -3.46
CA ALA A 200 1.37 12.53 -3.04
C ALA A 200 0.79 13.74 -2.31
N ARG A 201 -0.45 14.10 -2.64
CA ARG A 201 -1.16 15.23 -2.05
C ARG A 201 -2.00 14.87 -0.84
N THR A 202 -2.00 13.63 -0.38
CA THR A 202 -2.93 13.33 0.68
C THR A 202 -2.36 12.61 1.90
N VAL A 203 -2.98 12.89 3.04
CA VAL A 203 -2.64 12.29 4.30
C VAL A 203 -3.91 11.79 4.98
N LEU A 204 -3.88 10.55 5.44
CA LEU A 204 -5.02 9.92 6.11
C LEU A 204 -4.65 9.76 7.58
N TYR A 205 -5.44 10.34 8.48
CA TYR A 205 -5.16 10.31 9.90
C TYR A 205 -6.32 9.81 10.73
N PHE A 206 -6.09 8.75 11.51
CA PHE A 206 -7.07 8.23 12.44
C PHE A 206 -6.84 8.97 13.74
N THR A 207 -7.92 9.55 14.26
CA THR A 207 -7.85 10.43 15.42
C THR A 207 -7.72 9.85 16.82
N ASN A 208 -8.44 8.75 17.09
CA ASN A 208 -8.49 8.13 18.42
C ASN A 208 -9.05 9.13 19.42
N ILE A 209 -10.05 9.89 18.98
CA ILE A 209 -10.71 10.89 19.80
C ILE A 209 -11.99 10.31 20.41
N THR A 210 -12.39 10.90 21.53
CA THR A 210 -13.63 10.58 22.21
C THR A 210 -14.20 11.95 22.55
N ARG A 211 -15.32 12.34 21.94
CA ARG A 211 -15.87 13.67 22.16
C ARG A 211 -16.45 13.83 23.57
N GLU A 212 -16.46 15.07 24.05
CA GLU A 212 -17.00 15.40 25.37
C GLU A 212 -17.75 16.73 25.32
N ALA A 213 -18.21 17.20 26.48
CA ALA A 213 -18.94 18.47 26.55
C ALA A 213 -18.06 19.67 26.19
N LYS A 214 -17.86 19.87 24.88
CA LYS A 214 -17.10 20.99 24.33
C LYS A 214 -16.86 22.10 25.36
N SER A 229 -28.43 27.37 -0.57
CA SER A 229 -28.83 25.99 -0.28
C SER A 229 -29.98 25.56 -1.17
N LEU A 230 -30.99 26.42 -1.28
CA LEU A 230 -32.18 26.14 -2.10
C LEU A 230 -31.87 26.29 -3.60
N GLU A 231 -30.66 26.75 -3.90
CA GLU A 231 -30.21 26.94 -5.29
C GLU A 231 -28.80 26.39 -5.51
N ALA A 232 -27.92 26.55 -4.52
CA ALA A 232 -26.54 26.04 -4.60
C ALA A 232 -26.53 24.51 -4.77
N MSE A 233 -27.61 23.88 -4.34
CA MSE A 233 -27.78 22.43 -4.45
C MSE A 233 -27.98 22.06 -5.91
O MSE A 233 -27.73 20.92 -6.30
CB MSE A 233 -29.01 22.08 -3.60
CG MSE A 233 -29.49 20.63 -3.72
SE MSE A 233 -31.18 20.40 -2.74
CE MSE A 233 -30.49 19.26 -1.28
N HIS A 234 -28.41 23.01 -6.73
CA HIS A 234 -28.66 22.78 -8.15
C HIS A 234 -27.35 22.70 -8.97
N ALA A 235 -26.26 23.17 -8.38
CA ALA A 235 -24.94 23.14 -9.04
C ALA A 235 -24.19 21.82 -8.78
N ILE A 236 -24.84 20.90 -8.07
CA ILE A 236 -24.26 19.60 -7.77
C ILE A 236 -24.07 18.75 -9.03
N LYS A 237 -25.10 18.65 -9.88
CA LYS A 237 -24.99 17.87 -11.12
C LYS A 237 -23.98 18.50 -12.08
N GLN A 238 -23.71 19.79 -11.90
CA GLN A 238 -22.73 20.48 -12.71
C GLN A 238 -21.34 20.10 -12.20
N ASP A 239 -21.19 20.05 -10.88
CA ASP A 239 -19.92 19.66 -10.28
C ASP A 239 -19.53 18.24 -10.66
N ALA A 240 -20.52 17.38 -10.82
CA ALA A 240 -20.30 15.99 -11.22
C ALA A 240 -19.70 15.90 -12.62
N ILE A 241 -20.40 16.45 -13.61
CA ILE A 241 -19.86 16.40 -14.99
C ILE A 241 -18.51 17.13 -15.07
N LYS A 242 -18.31 18.12 -14.22
CA LYS A 242 -17.08 18.87 -14.24
C LYS A 242 -15.96 18.00 -13.69
N MSE A 243 -16.27 17.20 -12.67
CA MSE A 243 -15.30 16.29 -12.06
C MSE A 243 -14.99 15.13 -12.97
O MSE A 243 -13.88 14.65 -12.97
CB MSE A 243 -15.76 15.77 -10.70
CG MSE A 243 -14.60 15.30 -9.83
SE MSE A 243 -15.34 14.87 -8.04
CE MSE A 243 -15.84 16.68 -7.43
N LYS A 244 -15.95 14.63 -13.73
CA LYS A 244 -15.65 13.55 -14.69
C LYS A 244 -14.69 14.08 -15.74
N GLU A 245 -15.02 15.23 -16.30
CA GLU A 245 -14.23 15.83 -17.36
C GLU A 245 -12.81 16.05 -16.87
N ALA A 246 -12.65 16.57 -15.65
CA ALA A 246 -11.32 16.82 -15.08
C ALA A 246 -10.54 15.50 -14.90
N LEU A 247 -11.24 14.44 -14.53
CA LEU A 247 -10.62 13.13 -14.36
C LEU A 247 -10.20 12.60 -15.71
N PHE A 248 -11.12 12.60 -16.66
CA PHE A 248 -10.80 12.18 -18.02
C PHE A 248 -9.62 13.01 -18.58
N ARG A 249 -9.70 14.32 -18.43
CA ARG A 249 -8.67 15.22 -18.91
C ARG A 249 -7.37 15.17 -18.14
N ALA A 250 -7.32 14.43 -17.02
CA ALA A 250 -6.12 14.43 -16.20
C ALA A 250 -5.77 15.88 -15.82
N ASP A 251 -6.79 16.70 -15.61
CA ASP A 251 -6.60 18.09 -15.28
C ASP A 251 -6.54 18.23 -13.77
N PHE A 252 -5.35 18.06 -13.24
CA PHE A 252 -5.19 18.08 -11.80
C PHE A 252 -5.41 19.43 -11.14
N GLY A 253 -5.17 20.52 -11.87
CA GLY A 253 -5.42 21.87 -11.34
C GLY A 253 -6.91 22.10 -11.08
N THR A 254 -7.75 21.64 -11.99
CA THR A 254 -9.19 21.76 -11.86
C THR A 254 -9.77 20.70 -10.90
N LEU A 255 -9.14 19.54 -10.86
CA LEU A 255 -9.61 18.48 -9.98
C LEU A 255 -9.44 18.91 -8.53
N ALA A 256 -8.25 19.41 -8.19
CA ALA A 256 -7.96 19.86 -6.83
C ALA A 256 -8.97 20.91 -6.44
N GLN A 257 -9.22 21.82 -7.37
CA GLN A 257 -10.15 22.92 -7.19
C GLN A 257 -11.58 22.45 -6.87
N ILE A 258 -12.08 21.49 -7.65
CA ILE A 258 -13.46 21.00 -7.46
C ILE A 258 -13.60 20.09 -6.23
N LEU A 259 -12.56 19.33 -5.93
CA LEU A 259 -12.61 18.53 -4.74
C LEU A 259 -12.63 19.52 -3.59
N GLY A 260 -11.72 20.49 -3.64
CA GLY A 260 -11.65 21.54 -2.62
C GLY A 260 -13.02 22.11 -2.31
N LYS A 261 -13.78 22.41 -3.35
CA LYS A 261 -15.11 22.98 -3.18
C LYS A 261 -16.07 22.08 -2.40
N SER A 262 -16.34 20.88 -2.93
CA SER A 262 -17.29 19.95 -2.29
C SER A 262 -16.98 19.67 -0.82
N TRP A 263 -15.74 19.88 -0.43
CA TRP A 263 -15.30 19.65 0.94
C TRP A 263 -15.70 20.80 1.90
N ARG A 264 -16.19 21.90 1.34
CA ARG A 264 -16.67 23.03 2.13
C ARG A 264 -18.18 23.10 1.88
N SER A 265 -18.94 22.29 2.60
CA SER A 265 -20.38 22.21 2.40
C SER A 265 -21.20 22.78 3.55
N LYS A 266 -21.15 22.06 4.65
CA LYS A 266 -21.91 22.34 5.86
C LYS A 266 -21.68 21.12 6.72
N LYS A 267 -22.07 19.97 6.17
CA LYS A 267 -21.95 18.69 6.84
C LYS A 267 -20.49 18.33 7.13
N ILE A 268 -19.55 18.90 6.39
CA ILE A 268 -18.13 18.65 6.64
C ILE A 268 -17.67 19.65 7.71
N ILE A 269 -17.85 20.94 7.43
CA ILE A 269 -17.43 21.99 8.37
C ILE A 269 -18.14 21.84 9.72
N SER A 270 -19.38 21.38 9.71
CA SER A 270 -20.12 21.18 10.97
C SER A 270 -19.45 20.06 11.78
N GLU A 271 -19.15 18.92 11.14
CA GLU A 271 -18.49 17.79 11.83
C GLU A 271 -17.12 18.17 12.41
N ILE A 272 -16.44 19.11 11.78
CA ILE A 272 -15.15 19.59 12.24
C ILE A 272 -15.37 20.50 13.46
N VAL A 273 -16.08 21.60 13.23
CA VAL A 273 -16.35 22.60 14.27
C VAL A 273 -17.17 22.07 15.45
N SER A 274 -18.08 21.11 15.20
CA SER A 274 -18.92 20.57 16.28
C SER A 274 -18.12 19.85 17.38
N ASN A 275 -16.80 19.86 17.25
CA ASN A 275 -15.95 19.25 18.27
C ASN A 275 -14.67 20.08 18.44
N ASP A 276 -14.32 20.39 19.69
CA ASP A 276 -13.15 21.21 19.98
C ASP A 276 -11.82 20.52 19.63
N GLU A 277 -11.74 19.21 19.84
CA GLU A 277 -10.51 18.45 19.57
C GLU A 277 -10.28 18.20 18.07
N LEU A 278 -11.35 17.97 17.31
CA LEU A 278 -11.24 17.81 15.86
C LEU A 278 -10.88 19.14 15.25
N GLU A 279 -11.57 20.19 15.70
CA GLU A 279 -11.31 21.56 15.22
C GLU A 279 -9.85 21.96 15.48
N ARG A 280 -9.30 21.50 16.61
CA ARG A 280 -7.93 21.81 16.95
C ARG A 280 -7.00 21.03 16.00
N ILE A 281 -7.35 19.78 15.70
CA ILE A 281 -6.54 18.95 14.81
C ILE A 281 -6.55 19.52 13.40
N TYR A 282 -7.72 19.94 12.92
CA TYR A 282 -7.85 20.58 11.61
C TYR A 282 -6.92 21.80 11.55
N LYS A 283 -7.04 22.66 12.56
CA LYS A 283 -6.19 23.84 12.70
C LYS A 283 -4.71 23.48 12.59
N LEU A 284 -4.31 22.49 13.37
CA LEU A 284 -2.93 22.04 13.39
C LEU A 284 -2.46 21.56 12.02
N ALA A 285 -3.36 20.96 11.27
CA ALA A 285 -3.03 20.42 9.96
C ALA A 285 -2.87 21.53 8.94
N ILE A 286 -3.77 22.51 8.98
CA ILE A 286 -3.69 23.64 8.07
C ILE A 286 -2.42 24.44 8.41
N ASP A 287 -2.10 24.54 9.69
CA ASP A 287 -0.92 25.28 10.08
C ASP A 287 0.34 24.65 9.53
N ASN A 288 0.31 23.34 9.34
CA ASN A 288 1.47 22.58 8.88
C ASN A 288 1.47 22.16 7.44
N GLY A 289 0.74 22.84 6.57
CA GLY A 289 0.83 22.47 5.16
C GLY A 289 -0.44 21.99 4.50
N ALA A 290 -1.37 21.43 5.26
CA ALA A 290 -2.64 21.02 4.66
C ALA A 290 -3.39 22.27 4.21
N TYR A 291 -4.14 22.16 3.11
CA TYR A 291 -4.94 23.29 2.61
C TYR A 291 -6.41 22.90 2.50
N SER A 292 -6.73 21.70 2.94
CA SER A 292 -8.11 21.21 2.85
C SER A 292 -8.18 19.83 3.50
N GLY A 293 -9.32 19.55 4.14
CA GLY A 293 -9.53 18.26 4.78
C GLY A 293 -10.98 18.03 5.15
N LYS A 294 -11.33 16.76 5.35
CA LYS A 294 -12.68 16.36 5.74
C LYS A 294 -12.61 15.30 6.83
N THR A 295 -13.69 15.20 7.60
CA THR A 295 -13.82 14.20 8.66
C THR A 295 -14.91 13.25 8.21
N SER A 296 -14.62 11.96 8.20
CA SER A 296 -15.61 10.98 7.79
C SER A 296 -15.87 9.92 8.87
N GLY A 297 -17.10 9.40 8.87
CA GLY A 297 -17.53 8.38 9.82
C GLY A 297 -17.21 8.74 11.26
N ALA A 298 -17.16 10.05 11.54
CA ALA A 298 -16.82 10.56 12.88
C ALA A 298 -17.59 9.82 13.98
N GLY A 299 -17.02 8.69 14.38
CA GLY A 299 -17.61 7.85 15.42
C GLY A 299 -16.54 7.15 16.24
N ALA A 300 -16.76 5.87 16.55
CA ALA A 300 -15.83 5.07 17.36
C ALA A 300 -14.37 5.24 16.93
N GLY A 301 -14.12 5.19 15.62
CA GLY A 301 -12.77 5.35 15.08
C GLY A 301 -12.80 6.27 13.86
N GLY A 302 -13.00 7.56 14.10
CA GLY A 302 -13.08 8.53 13.02
C GLY A 302 -11.73 8.83 12.39
N PHE A 303 -11.77 9.47 11.22
CA PHE A 303 -10.54 9.83 10.54
C PHE A 303 -10.70 11.14 9.82
N MSE A 304 -9.55 11.73 9.49
CA MSE A 304 -9.54 12.97 8.74
C MSE A 304 -8.73 12.64 7.55
O MSE A 304 -7.83 11.82 7.62
CB MSE A 304 -8.97 14.13 9.55
CG MSE A 304 -10.08 14.74 10.38
SE MSE A 304 -9.42 16.20 11.52
CE MSE A 304 -10.45 17.60 10.61
N PHE A 305 -9.06 13.26 6.44
CA PHE A 305 -8.38 13.06 5.19
C PHE A 305 -7.99 14.44 4.72
N PHE A 306 -6.70 14.65 4.48
CA PHE A 306 -6.22 15.98 4.08
C PHE A 306 -5.58 16.04 2.71
N PHE A 307 -5.62 17.24 2.14
CA PHE A 307 -4.93 17.59 0.90
C PHE A 307 -3.80 18.51 1.33
N VAL A 308 -2.59 18.18 0.91
CA VAL A 308 -1.40 18.92 1.30
C VAL A 308 -0.44 19.06 0.14
N ASP A 309 0.37 20.09 0.20
CA ASP A 309 1.39 20.28 -0.78
C ASP A 309 2.41 19.15 -0.53
N PRO A 310 2.76 18.39 -1.58
CA PRO A 310 3.72 17.31 -1.40
C PRO A 310 5.03 17.75 -0.76
N THR A 311 5.53 18.95 -1.04
CA THR A 311 6.78 19.38 -0.41
C THR A 311 6.59 19.74 1.07
N LYS A 312 5.39 19.58 1.59
CA LYS A 312 5.10 19.89 2.99
C LYS A 312 4.54 18.68 3.72
N LYS A 313 4.27 17.62 2.99
CA LYS A 313 3.64 16.44 3.57
C LYS A 313 4.43 15.80 4.68
N TYR A 314 5.76 15.78 4.56
CA TYR A 314 6.53 15.12 5.61
C TYR A 314 6.38 15.85 6.94
N ASN A 315 6.49 17.18 6.92
CA ASN A 315 6.34 17.96 8.13
C ASN A 315 4.90 17.86 8.69
N LEU A 316 3.90 17.73 7.84
CA LEU A 316 2.53 17.54 8.32
C LEU A 316 2.43 16.20 9.05
N ILE A 317 2.95 15.15 8.42
CA ILE A 317 2.95 13.83 9.01
C ILE A 317 3.68 13.86 10.36
N LYS A 318 4.80 14.57 10.40
CA LYS A 318 5.59 14.68 11.61
C LYS A 318 4.80 15.35 12.76
N ALA A 319 4.07 16.41 12.45
CA ALA A 319 3.29 17.05 13.50
C ALA A 319 2.17 16.10 13.96
N LEU A 320 1.47 15.48 13.02
CA LEU A 320 0.40 14.55 13.38
C LEU A 320 0.87 13.34 14.22
N ARG A 321 2.05 12.79 13.93
CA ARG A 321 2.54 11.63 14.72
C ARG A 321 2.74 11.94 16.22
N LYS A 322 2.74 13.22 16.59
CA LYS A 322 2.93 13.62 18.00
C LYS A 322 1.61 13.68 18.73
N GLU A 323 0.53 13.49 18.00
CA GLU A 323 -0.79 13.53 18.58
C GLU A 323 -1.24 12.11 18.92
N GLN A 324 -2.39 12.02 19.58
CA GLN A 324 -2.89 10.71 20.04
C GLN A 324 -3.30 9.75 18.93
N GLY A 325 -3.51 10.26 17.73
CA GLY A 325 -3.91 9.39 16.61
C GLY A 325 -2.72 8.79 15.88
N TYR A 326 -2.93 8.40 14.64
CA TYR A 326 -1.85 7.92 13.81
C TYR A 326 -2.17 8.13 12.35
N VAL A 327 -1.11 8.38 11.59
CA VAL A 327 -1.20 8.56 10.16
C VAL A 327 -1.14 7.20 9.51
N GLN A 328 -2.01 6.97 8.52
CA GLN A 328 -2.05 5.71 7.82
C GLN A 328 -1.69 5.90 6.36
N ASP A 329 -0.51 5.41 5.97
CA ASP A 329 -0.09 5.47 4.58
C ASP A 329 -0.99 4.52 3.80
N PHE A 330 -1.17 4.80 2.52
CA PHE A 330 -1.97 3.98 1.65
C PHE A 330 -1.73 4.35 0.20
N SER A 331 -2.18 3.49 -0.70
CA SER A 331 -2.16 3.76 -2.14
C SER A 331 -3.58 3.53 -2.62
N PHE A 332 -3.93 4.07 -3.78
CA PHE A 332 -5.20 3.73 -4.40
C PHE A 332 -4.94 2.44 -5.14
N THR A 333 -5.85 1.47 -5.06
CA THR A 333 -5.64 0.20 -5.79
C THR A 333 -6.52 0.13 -7.01
N LYS A 334 -6.09 -0.71 -7.95
CA LYS A 334 -6.75 -0.92 -9.24
C LYS A 334 -7.80 -2.01 -9.16
N GLU A 335 -7.52 -3.02 -8.35
CA GLU A 335 -8.41 -4.16 -8.22
C GLU A 335 -9.38 -4.08 -7.07
N GLY A 336 -10.44 -4.86 -7.21
CA GLY A 336 -11.42 -5.05 -6.14
C GLY A 336 -11.02 -6.37 -5.49
N VAL A 337 -12.00 -7.11 -4.97
CA VAL A 337 -11.73 -8.37 -4.29
C VAL A 337 -10.92 -9.34 -5.13
N LYS A 338 -9.89 -9.93 -4.54
CA LYS A 338 -9.13 -10.97 -5.24
C LYS A 338 -9.13 -12.24 -4.38
N SER A 339 -8.98 -13.39 -5.00
CA SER A 339 -8.95 -14.64 -4.27
C SER A 339 -8.00 -15.59 -4.90
N TRP A 340 -7.54 -16.55 -4.11
CA TRP A 340 -6.64 -17.59 -4.60
C TRP A 340 -6.77 -18.81 -3.72
N ARG A 341 -6.34 -19.93 -4.26
CA ARG A 341 -6.42 -21.22 -3.62
C ARG A 341 -4.98 -21.65 -3.35
N ILE A 342 -4.74 -22.27 -2.21
CA ILE A 342 -3.39 -22.69 -1.86
C ILE A 342 -3.49 -24.05 -1.14
N SER B 1 -4.80 23.47 -17.94
CA SER B 1 -4.95 22.32 -17.00
C SER B 1 -3.83 22.29 -15.95
N ASN B 2 -2.60 22.04 -16.41
CA ASN B 2 -1.43 21.94 -15.55
C ASN B 2 -0.26 22.78 -16.06
N ALA B 3 0.49 23.39 -15.13
CA ALA B 3 1.65 24.24 -15.47
C ALA B 3 2.85 23.44 -16.05
N MSE B 4 2.94 22.16 -15.68
CA MSE B 4 3.98 21.24 -16.18
C MSE B 4 5.43 21.58 -15.87
O MSE B 4 6.32 21.12 -16.58
CB MSE B 4 3.80 21.10 -17.70
CG MSE B 4 2.39 20.64 -18.05
SE MSE B 4 2.19 18.76 -17.48
CE MSE B 4 2.26 17.99 -19.29
N LYS B 5 5.68 22.35 -14.83
CA LYS B 5 7.06 22.70 -14.44
C LYS B 5 7.54 21.90 -13.22
N THR B 6 6.79 20.89 -12.82
CA THR B 6 7.10 20.09 -11.64
C THR B 6 7.24 18.63 -12.00
N ILE B 7 8.26 17.97 -11.48
CA ILE B 7 8.48 16.56 -11.75
C ILE B 7 8.44 15.85 -10.41
N ARG B 8 7.92 14.62 -10.37
CA ARG B 8 7.93 13.86 -9.14
C ARG B 8 8.36 12.48 -9.46
N THR B 9 9.02 11.81 -8.51
CA THR B 9 9.39 10.44 -8.72
C THR B 9 9.06 9.76 -7.43
N GLN B 10 8.81 8.46 -7.52
CA GLN B 10 8.49 7.63 -6.38
C GLN B 10 9.28 6.35 -6.62
N THR B 11 10.10 5.97 -5.65
CA THR B 11 11.01 4.84 -5.81
C THR B 11 10.87 3.92 -4.64
N PRO B 12 10.60 2.64 -4.89
CA PRO B 12 10.37 1.74 -3.77
C PRO B 12 11.64 1.20 -3.14
N LEU B 13 11.52 0.81 -1.89
CA LEU B 13 12.61 0.21 -1.14
C LEU B 13 12.54 -1.30 -1.38
N ARG B 14 13.50 -2.08 -0.92
CA ARG B 14 13.37 -3.52 -1.17
C ARG B 14 13.80 -4.40 0.00
N LEU B 15 13.29 -5.62 -0.05
CA LEU B 15 13.59 -6.64 0.90
C LEU B 15 14.44 -7.73 0.32
N GLY B 16 15.51 -8.07 1.05
CA GLY B 16 16.38 -9.19 0.68
C GLY B 16 15.60 -10.38 1.19
N LEU B 17 15.22 -11.30 0.30
CA LEU B 17 14.43 -12.45 0.69
C LEU B 17 15.30 -13.66 0.94
N ALA B 18 16.36 -13.76 0.13
CA ALA B 18 17.31 -14.85 0.26
C ALA B 18 18.58 -14.48 -0.48
N GLY B 19 19.64 -15.21 -0.18
CA GLY B 19 20.93 -14.95 -0.79
C GLY B 19 22.00 -15.91 -0.33
N GLY B 20 22.92 -16.19 -1.24
CA GLY B 20 24.05 -17.05 -0.98
C GLY B 20 25.25 -16.36 -1.59
N GLY B 21 26.41 -16.46 -0.94
CA GLY B 21 27.63 -15.84 -1.46
C GLY B 21 28.85 -16.73 -1.43
N THR B 22 29.67 -16.61 -2.47
CA THR B 22 30.94 -17.33 -2.56
C THR B 22 31.95 -16.33 -3.11
N ASP B 23 32.20 -15.28 -2.33
CA ASP B 23 33.13 -14.21 -2.72
C ASP B 23 34.45 -14.81 -3.23
N ILE B 24 34.75 -16.02 -2.77
CA ILE B 24 35.94 -16.74 -3.22
C ILE B 24 35.52 -17.55 -4.44
N ASN B 25 36.16 -17.28 -5.58
CA ASN B 25 35.84 -17.98 -6.83
C ASN B 25 36.33 -19.41 -6.79
N LEU B 26 35.53 -20.32 -7.33
CA LEU B 26 35.87 -21.74 -7.35
C LEU B 26 35.12 -22.53 -8.43
N TYR B 27 33.88 -22.13 -8.73
CA TYR B 27 33.09 -22.83 -9.76
C TYR B 27 33.78 -22.82 -11.12
N CYS B 28 33.37 -23.75 -11.96
CA CYS B 28 33.92 -23.88 -13.30
C CYS B 28 33.54 -22.68 -14.16
N ASP B 29 32.49 -21.96 -13.75
CA ASP B 29 32.00 -20.79 -14.49
C ASP B 29 32.17 -19.44 -13.76
N LYS B 30 32.83 -19.44 -12.61
CA LYS B 30 33.11 -18.21 -11.84
C LYS B 30 31.89 -17.59 -11.12
N TYR B 31 30.89 -18.43 -10.85
CA TYR B 31 29.65 -18.03 -10.15
C TYR B 31 30.00 -17.66 -8.71
N THR B 32 29.69 -16.43 -8.29
CA THR B 32 30.02 -15.98 -6.94
C THR B 32 28.84 -15.74 -6.00
N GLY B 33 27.62 -16.08 -6.43
CA GLY B 33 26.46 -15.93 -5.56
C GLY B 33 25.16 -15.55 -6.22
N TYR B 34 24.15 -15.34 -5.38
CA TYR B 34 22.83 -14.94 -5.85
C TYR B 34 22.08 -14.20 -4.75
N VAL B 35 21.15 -13.34 -5.17
CA VAL B 35 20.29 -12.65 -4.24
C VAL B 35 18.90 -12.65 -4.85
N LEU B 36 17.92 -12.77 -3.99
CA LEU B 36 16.53 -12.65 -4.40
C LEU B 36 15.97 -11.51 -3.59
N ASN B 37 15.68 -10.39 -4.22
CA ASN B 37 15.06 -9.31 -3.49
C ASN B 37 13.75 -8.93 -4.15
N ALA B 38 12.95 -8.12 -3.46
CA ALA B 38 11.69 -7.71 -4.01
C ALA B 38 11.35 -6.33 -3.51
N THR B 39 10.94 -5.45 -4.40
CA THR B 39 10.53 -4.11 -3.99
C THR B 39 9.23 -4.17 -3.19
N ILE B 40 9.09 -3.27 -2.23
CA ILE B 40 7.90 -3.19 -1.39
C ILE B 40 7.36 -1.75 -1.40
N SER B 41 6.12 -1.63 -0.95
CA SER B 41 5.36 -0.40 -0.97
C SER B 41 5.75 0.62 0.08
N LEU B 42 7.05 0.80 0.28
CA LEU B 42 7.61 1.81 1.18
C LEU B 42 8.52 2.59 0.25
N TYR B 43 8.36 3.90 0.22
CA TYR B 43 9.05 4.67 -0.80
C TYR B 43 9.86 5.86 -0.38
N ILE B 44 10.65 6.30 -1.35
CA ILE B 44 11.37 7.55 -1.26
C ILE B 44 10.66 8.42 -2.29
N HIS B 45 10.21 9.59 -1.86
CA HIS B 45 9.49 10.50 -2.71
C HIS B 45 10.32 11.70 -3.02
N CYS B 46 10.40 12.09 -4.29
N CYS B 46 10.33 12.12 -4.28
CA CYS B 46 11.11 13.29 -4.69
CA CYS B 46 11.12 13.26 -4.70
C CYS B 46 10.21 14.22 -5.49
C CYS B 46 10.33 14.21 -5.59
N THR B 47 10.42 15.52 -5.30
CA THR B 47 9.74 16.56 -6.08
C THR B 47 10.84 17.54 -6.55
N LEU B 48 10.85 17.85 -7.84
CA LEU B 48 11.84 18.76 -8.42
C LEU B 48 11.07 19.86 -9.14
N ILE B 49 11.34 21.11 -8.78
CA ILE B 49 10.62 22.24 -9.36
C ILE B 49 11.56 23.21 -10.03
N LYS B 50 11.30 23.50 -11.29
CA LYS B 50 12.09 24.46 -12.05
C LYS B 50 12.00 25.80 -11.38
N ARG B 51 13.09 26.56 -11.40
CA ARG B 51 13.11 27.89 -10.82
C ARG B 51 13.65 28.85 -11.88
N GLU B 52 13.59 30.15 -11.58
CA GLU B 52 14.05 31.20 -12.51
C GLU B 52 14.83 32.31 -11.80
N ASP B 53 15.20 32.10 -10.55
CA ASP B 53 15.93 33.10 -9.79
C ASP B 53 17.41 32.74 -9.65
N GLY B 54 17.90 31.82 -10.48
CA GLY B 54 19.30 31.40 -10.40
C GLY B 54 19.67 30.75 -9.08
N LYS B 55 18.71 30.11 -8.42
CA LYS B 55 18.99 29.40 -7.16
C LYS B 55 18.82 27.90 -7.33
N ILE B 56 19.46 27.18 -6.43
CA ILE B 56 19.39 25.76 -6.33
C ILE B 56 19.09 25.50 -4.87
N ILE B 57 18.02 24.73 -4.60
CA ILE B 57 17.63 24.39 -3.24
C ILE B 57 17.52 22.89 -3.06
N PHE B 58 18.12 22.37 -1.99
CA PHE B 58 18.03 20.95 -1.66
C PHE B 58 17.33 20.91 -0.30
N ASP B 59 16.17 20.26 -0.24
CA ASP B 59 15.34 20.21 0.97
C ASP B 59 15.02 18.75 1.32
N SER B 60 15.61 18.27 2.41
CA SER B 60 15.39 16.90 2.87
C SER B 60 15.04 16.94 4.35
N PRO B 61 13.77 17.23 4.64
CA PRO B 61 13.32 17.43 6.03
C PRO B 61 13.42 16.18 6.91
N ASP B 62 13.35 15.00 6.32
CA ASP B 62 13.45 13.78 7.14
C ASP B 62 14.88 13.59 7.66
N THR B 63 15.86 14.28 7.07
CA THR B 63 17.24 14.24 7.59
C THR B 63 17.57 15.60 8.21
N ASN B 64 16.56 16.45 8.37
CA ASN B 64 16.73 17.78 8.96
C ASN B 64 17.82 18.57 8.21
N SER B 65 17.78 18.53 6.89
CA SER B 65 18.78 19.20 6.09
C SER B 65 18.15 20.04 4.99
N TYR B 66 18.58 21.29 4.90
CA TYR B 66 18.12 22.25 3.90
C TYR B 66 19.32 23.07 3.39
N CYS B 67 19.46 23.18 2.08
CA CYS B 67 20.55 23.94 1.44
C CYS B 67 20.06 24.87 0.37
N GLU B 68 20.72 26.01 0.25
CA GLU B 68 20.41 26.96 -0.80
C GLU B 68 21.74 27.47 -1.33
N TYR B 69 21.96 27.27 -2.63
CA TYR B 69 23.18 27.73 -3.27
C TYR B 69 22.84 28.54 -4.50
N GLU B 70 23.82 29.29 -4.95
CA GLU B 70 23.69 30.07 -6.13
C GLU B 70 23.92 29.05 -7.25
N SER B 71 23.14 29.16 -8.31
CA SER B 71 23.26 28.24 -9.43
C SER B 71 24.61 28.37 -10.14
N LYS B 72 25.28 27.24 -10.31
CA LYS B 72 26.56 27.19 -11.02
C LYS B 72 26.85 25.76 -11.44
N GLU B 73 27.81 25.60 -12.33
CA GLU B 73 28.11 24.29 -12.90
C GLU B 73 28.69 23.29 -11.89
N PHE B 74 29.28 23.75 -10.80
CA PHE B 74 29.88 22.81 -9.84
C PHE B 74 29.70 23.23 -8.40
N LEU B 75 29.16 22.32 -7.59
CA LEU B 75 28.92 22.56 -6.17
C LEU B 75 29.91 21.76 -5.30
N GLY B 76 30.76 22.49 -4.57
CA GLY B 76 31.76 21.87 -3.69
C GLY B 76 31.09 21.30 -2.46
N ASN B 77 31.72 20.29 -1.86
CA ASN B 77 31.18 19.66 -0.66
C ASN B 77 31.22 20.55 0.56
N ASP B 78 30.17 20.49 1.37
CA ASP B 78 30.11 21.24 2.62
C ASP B 78 29.52 20.36 3.73
N GLY B 79 29.57 19.05 3.53
CA GLY B 79 29.06 18.11 4.52
C GLY B 79 27.54 18.04 4.67
N LYS B 80 26.81 18.78 3.86
CA LYS B 80 25.36 18.76 3.92
C LYS B 80 24.73 18.35 2.57
N LEU B 81 24.09 17.18 2.54
CA LEU B 81 23.48 16.66 1.32
C LEU B 81 24.51 16.62 0.18
N ASP B 82 25.73 16.22 0.48
CA ASP B 82 26.77 16.11 -0.55
C ASP B 82 26.37 15.11 -1.65
N ILE B 83 25.55 14.11 -1.31
CA ILE B 83 25.12 13.17 -2.35
C ILE B 83 24.34 13.90 -3.45
N PHE B 84 23.59 14.94 -3.07
CA PHE B 84 22.80 15.70 -4.05
C PHE B 84 23.73 16.52 -4.96
N LYS B 85 24.83 17.01 -4.39
CA LYS B 85 25.79 17.76 -5.18
C LYS B 85 26.46 16.86 -6.21
N SER B 86 26.81 15.65 -5.82
CA SER B 86 27.48 14.72 -6.76
C SER B 86 26.58 14.48 -7.94
N ILE B 87 25.30 14.22 -7.67
CA ILE B 87 24.31 13.96 -8.72
C ILE B 87 24.18 15.14 -9.62
N TYR B 88 23.92 16.31 -9.04
CA TYR B 88 23.82 17.53 -9.83
C TYR B 88 25.08 17.78 -10.64
N ASN B 89 26.24 17.69 -9.98
CA ASN B 89 27.54 17.92 -10.65
C ASN B 89 27.70 16.98 -11.87
N ARG B 90 27.34 15.72 -11.72
CA ARG B 90 27.45 14.75 -12.80
C ARG B 90 26.48 15.08 -13.96
N ILE B 91 25.21 15.31 -13.65
CA ILE B 91 24.22 15.69 -14.67
C ILE B 91 24.68 16.87 -15.52
N VAL B 92 25.31 17.84 -14.87
CA VAL B 92 25.81 19.02 -15.58
C VAL B 92 27.04 18.69 -16.45
N LYS B 93 27.92 17.87 -15.92
CA LYS B 93 29.13 17.49 -16.64
C LYS B 93 28.79 16.64 -17.85
N ASP B 94 27.95 15.64 -17.64
CA ASP B 94 27.62 14.73 -18.73
C ASP B 94 26.54 15.16 -19.72
N PHE B 95 25.54 15.92 -19.29
CA PHE B 95 24.42 16.20 -20.19
C PHE B 95 24.12 17.66 -20.50
N THR B 96 23.82 18.46 -19.49
CA THR B 96 23.43 19.86 -19.75
C THR B 96 24.58 20.78 -20.16
N LYS B 97 25.74 20.62 -19.54
CA LYS B 97 26.93 21.45 -19.82
C LYS B 97 26.76 22.90 -19.36
N LYS B 98 25.74 23.16 -18.55
CA LYS B 98 25.45 24.50 -18.02
C LYS B 98 24.70 24.39 -16.70
N PRO B 99 24.72 25.44 -15.88
CA PRO B 99 24.03 25.37 -14.59
C PRO B 99 22.52 25.33 -14.71
N LEU B 100 21.86 24.91 -13.63
CA LEU B 100 20.40 24.80 -13.60
C LEU B 100 19.86 25.48 -12.36
N SER B 101 18.60 25.92 -12.42
CA SER B 101 17.96 26.55 -11.25
C SER B 101 16.72 25.74 -10.92
N PHE B 102 16.63 25.27 -9.68
CA PHE B 102 15.52 24.40 -9.28
C PHE B 102 15.52 24.13 -7.79
N SER B 103 14.43 23.55 -7.29
CA SER B 103 14.35 23.09 -5.90
C SER B 103 14.09 21.58 -5.91
N LEU B 104 14.79 20.84 -5.06
CA LEU B 104 14.68 19.41 -4.98
C LEU B 104 14.25 19.11 -3.55
N HIS B 105 13.20 18.33 -3.39
CA HIS B 105 12.60 18.06 -2.06
C HIS B 105 12.42 16.57 -1.92
N THR B 106 12.81 15.97 -0.80
CA THR B 106 12.72 14.54 -0.68
C THR B 106 12.48 14.05 0.72
N TYR B 107 11.81 12.90 0.83
CA TYR B 107 11.65 12.26 2.12
C TYR B 107 11.41 10.79 1.88
N SER B 108 11.71 10.00 2.90
CA SER B 108 11.52 8.57 2.84
C SER B 108 10.36 8.10 3.73
N ASP B 109 9.68 7.03 3.35
CA ASP B 109 8.61 6.47 4.24
C ASP B 109 9.15 5.81 5.51
N VAL B 110 10.46 5.60 5.60
CA VAL B 110 11.06 4.93 6.77
C VAL B 110 12.23 5.75 7.31
N PRO B 111 12.42 5.75 8.63
CA PRO B 111 13.51 6.52 9.25
C PRO B 111 14.90 6.07 8.80
N SER B 112 15.86 6.99 8.80
CA SER B 112 17.22 6.72 8.34
C SER B 112 17.90 5.58 9.14
N GLY B 113 18.48 4.61 8.41
CA GLY B 113 19.14 3.46 9.01
C GLY B 113 18.23 2.24 9.08
N SER B 114 17.33 2.11 8.10
CA SER B 114 16.37 0.99 8.06
C SER B 114 16.87 -0.27 7.34
N GLY B 115 17.83 -0.15 6.42
CA GLY B 115 18.38 -1.33 5.72
C GLY B 115 17.54 -1.94 4.58
N LEU B 116 16.76 -1.09 3.94
CA LEU B 116 15.90 -1.52 2.83
C LEU B 116 16.45 -0.94 1.52
N GLY B 117 17.76 -0.71 1.46
CA GLY B 117 18.42 -0.10 0.28
C GLY B 117 18.13 1.40 0.12
N GLY B 118 17.91 2.08 1.23
CA GLY B 118 17.62 3.53 1.21
C GLY B 118 18.60 4.45 0.50
N SER B 119 19.90 4.20 0.64
CA SER B 119 20.87 5.12 0.03
C SER B 119 20.79 5.07 -1.50
N SER B 120 20.71 3.86 -2.03
CA SER B 120 20.63 3.67 -3.47
C SER B 120 19.27 4.04 -4.07
N THR B 121 18.21 3.82 -3.31
CA THR B 121 16.86 4.15 -3.73
C THR B 121 16.72 5.66 -3.92
N LEU B 122 17.33 6.41 -3.01
CA LEU B 122 17.32 7.86 -3.07
C LEU B 122 18.03 8.35 -4.31
N VAL B 123 19.24 7.86 -4.51
CA VAL B 123 20.05 8.29 -5.65
C VAL B 123 19.26 8.05 -6.94
N VAL B 124 18.72 6.84 -7.07
CA VAL B 124 17.92 6.47 -8.23
C VAL B 124 16.74 7.40 -8.42
N GLY B 125 16.02 7.64 -7.32
CA GLY B 125 14.87 8.52 -7.34
C GLY B 125 15.22 9.89 -7.83
N VAL B 126 16.32 10.44 -7.33
CA VAL B 126 16.75 11.80 -7.72
C VAL B 126 17.25 11.88 -9.18
N ILE B 127 18.01 10.88 -9.61
CA ILE B 127 18.50 10.85 -10.98
C ILE B 127 17.34 10.81 -11.96
N LYS B 128 16.30 10.04 -11.62
CA LYS B 128 15.10 9.92 -12.47
C LYS B 128 14.39 11.25 -12.58
N ALA B 129 14.37 12.02 -11.50
CA ALA B 129 13.75 13.36 -11.53
C ALA B 129 14.47 14.24 -12.55
N PHE B 130 15.80 14.24 -12.51
CA PHE B 130 16.58 15.01 -13.48
C PHE B 130 16.34 14.49 -14.89
N ALA B 131 16.40 13.17 -15.06
CA ALA B 131 16.20 12.56 -16.39
C ALA B 131 14.85 12.90 -17.01
N GLU B 132 13.79 12.85 -16.23
CA GLU B 132 12.45 13.18 -16.74
C GLU B 132 12.35 14.70 -17.01
N TRP B 133 12.80 15.52 -16.07
CA TRP B 133 12.78 16.96 -16.26
C TRP B 133 13.53 17.40 -17.52
N LEU B 134 14.78 16.95 -17.64
CA LEU B 134 15.66 17.35 -18.75
C LEU B 134 15.54 16.53 -20.03
N ASN B 135 14.62 15.57 -20.07
CA ASN B 135 14.46 14.71 -21.27
C ASN B 135 15.78 14.03 -21.61
N LEU B 136 16.49 13.55 -20.60
CA LEU B 136 17.77 12.90 -20.85
C LEU B 136 17.56 11.53 -21.46
N PRO B 137 18.37 11.19 -22.48
CA PRO B 137 18.28 9.89 -23.13
C PRO B 137 18.91 8.77 -22.28
N LEU B 138 18.16 8.33 -21.25
CA LEU B 138 18.64 7.31 -20.31
C LEU B 138 17.58 6.29 -19.97
N GLY B 139 17.77 5.04 -20.42
CA GLY B 139 16.83 3.97 -20.10
C GLY B 139 16.94 3.56 -18.63
N GLU B 140 16.12 2.60 -18.21
CA GLU B 140 16.17 2.14 -16.84
C GLU B 140 17.55 1.61 -16.47
N TYR B 141 18.19 0.86 -17.37
CA TYR B 141 19.51 0.31 -17.09
C TYR B 141 20.57 1.40 -16.90
N GLU B 142 20.57 2.39 -17.79
CA GLU B 142 21.54 3.46 -17.74
C GLU B 142 21.35 4.26 -16.44
N ILE B 143 20.11 4.34 -15.94
CA ILE B 143 19.84 5.04 -14.68
C ILE B 143 20.46 4.30 -13.49
N ALA B 144 20.26 2.99 -13.43
CA ALA B 144 20.80 2.20 -12.31
C ALA B 144 22.31 2.22 -12.34
N LYS B 145 22.88 2.25 -13.54
CA LYS B 145 24.33 2.27 -13.66
C LYS B 145 24.92 3.62 -13.16
N LEU B 146 24.28 4.71 -13.58
CA LEU B 146 24.70 6.05 -13.21
C LEU B 146 24.57 6.21 -11.70
N ALA B 147 23.50 5.63 -11.15
CA ALA B 147 23.30 5.66 -9.71
C ALA B 147 24.41 4.94 -8.97
N TYR B 148 24.88 3.84 -9.55
CA TYR B 148 25.95 3.03 -8.94
C TYR B 148 27.28 3.76 -8.96
N GLU B 149 27.60 4.39 -10.09
CA GLU B 149 28.87 5.13 -10.23
C GLU B 149 28.92 6.32 -9.25
N ILE B 150 27.83 7.08 -9.16
CA ILE B 150 27.72 8.21 -8.23
C ILE B 150 27.93 7.75 -6.79
N GLU B 151 27.32 6.63 -6.43
CA GLU B 151 27.47 6.14 -5.06
C GLU B 151 28.90 5.65 -4.83
N ARG B 152 29.48 5.04 -5.88
N ARG B 152 29.50 5.05 -5.87
CA ARG B 152 30.88 4.58 -5.85
CA ARG B 152 30.89 4.58 -5.78
C ARG B 152 31.91 5.69 -5.61
C ARG B 152 31.91 5.71 -5.58
N GLU B 153 31.65 6.89 -6.13
CA GLU B 153 32.61 8.01 -6.00
C GLU B 153 32.73 8.47 -4.56
N ASP B 154 31.60 8.53 -3.87
CA ASP B 154 31.56 9.00 -2.49
C ASP B 154 31.85 7.87 -1.47
N LEU B 155 31.66 6.61 -1.84
CA LEU B 155 31.90 5.45 -0.93
C LEU B 155 32.16 4.11 -1.66
N GLY B 156 32.79 3.15 -0.98
CA GLY B 156 33.12 1.83 -1.59
C GLY B 156 31.98 0.83 -1.61
N ILE B 157 31.78 0.18 -2.76
CA ILE B 157 30.67 -0.79 -2.91
C ILE B 157 31.09 -2.17 -3.43
N VAL B 158 30.49 -3.19 -2.83
CA VAL B 158 30.71 -4.58 -3.22
C VAL B 158 29.34 -5.19 -3.53
N GLY B 159 29.30 -6.09 -4.51
CA GLY B 159 28.06 -6.74 -4.93
C GLY B 159 27.46 -6.07 -6.14
N GLY B 160 28.25 -5.22 -6.78
CA GLY B 160 27.80 -4.52 -7.98
C GLY B 160 26.59 -3.65 -7.73
N ALA B 161 25.93 -3.27 -8.82
CA ALA B 161 24.81 -2.37 -8.76
C ALA B 161 23.49 -3.05 -8.46
N GLN B 162 23.52 -4.06 -7.59
CA GLN B 162 22.32 -4.84 -7.28
C GLN B 162 21.18 -4.02 -6.67
N ASP B 163 21.48 -3.16 -5.71
CA ASP B 163 20.45 -2.35 -5.06
C ASP B 163 19.87 -1.32 -6.02
N GLN B 164 20.71 -0.84 -6.93
CA GLN B 164 20.27 0.13 -7.90
C GLN B 164 19.35 -0.57 -8.91
N TYR B 165 19.60 -1.85 -9.20
CA TYR B 165 18.74 -2.61 -10.13
C TYR B 165 17.37 -2.83 -9.50
N ALA B 166 17.34 -3.15 -8.21
CA ALA B 166 16.10 -3.37 -7.49
C ALA B 166 15.20 -2.15 -7.51
N ALA B 167 15.78 -1.00 -7.24
CA ALA B 167 15.05 0.25 -7.17
C ALA B 167 14.57 0.74 -8.54
N THR B 168 15.35 0.46 -9.57
CA THR B 168 15.02 0.92 -10.92
C THR B 168 14.02 -0.02 -11.63
N PHE B 169 14.30 -1.31 -11.58
CA PHE B 169 13.45 -2.26 -12.26
C PHE B 169 12.27 -2.73 -11.44
N GLY B 170 12.38 -2.73 -10.13
CA GLY B 170 11.26 -3.16 -9.29
C GLY B 170 10.90 -4.64 -9.44
N GLY B 171 9.86 -5.06 -8.74
CA GLY B 171 9.42 -6.45 -8.78
C GLY B 171 10.35 -7.38 -8.03
N PHE B 172 10.22 -8.67 -8.27
CA PHE B 172 11.08 -9.69 -7.70
C PHE B 172 12.21 -9.85 -8.70
N ASN B 173 13.44 -9.78 -8.24
CA ASN B 173 14.59 -9.93 -9.11
C ASN B 173 15.49 -11.01 -8.57
N PHE B 174 15.89 -11.92 -9.45
CA PHE B 174 16.80 -12.95 -9.06
C PHE B 174 18.13 -12.54 -9.67
N MSE B 175 19.11 -12.27 -8.82
CA MSE B 175 20.41 -11.80 -9.30
C MSE B 175 21.48 -12.84 -9.11
O MSE B 175 21.60 -13.42 -8.03
CB MSE B 175 20.76 -10.49 -8.59
CG MSE B 175 19.55 -9.56 -8.80
SE MSE B 175 20.02 -7.70 -8.42
CE MSE B 175 18.22 -6.93 -8.62
N GLU B 176 22.26 -13.05 -10.17
N GLU B 176 22.25 -13.10 -10.16
CA GLU B 176 23.34 -14.02 -10.22
CA GLU B 176 23.36 -14.04 -10.04
C GLU B 176 24.65 -13.28 -10.40
C GLU B 176 24.64 -13.30 -10.38
N PHE B 177 25.66 -13.56 -9.56
CA PHE B 177 26.95 -12.88 -9.67
C PHE B 177 28.06 -13.76 -10.23
N TYR B 178 29.01 -13.10 -10.90
CA TYR B 178 30.18 -13.77 -11.46
C TYR B 178 31.38 -12.91 -11.13
N ASN B 179 32.48 -13.56 -10.74
CA ASN B 179 33.73 -12.85 -10.38
C ASN B 179 33.48 -11.67 -9.46
N ASN B 180 32.57 -11.86 -8.50
CA ASN B 180 32.20 -10.80 -7.56
C ASN B 180 32.27 -9.38 -8.15
N LYS B 181 31.74 -9.24 -9.37
CA LYS B 181 31.68 -7.95 -10.06
C LYS B 181 30.54 -7.91 -11.09
N ARG B 182 30.51 -8.90 -11.98
CA ARG B 182 29.47 -8.98 -13.01
C ARG B 182 28.15 -9.48 -12.41
N VAL B 183 27.06 -8.81 -12.76
CA VAL B 183 25.76 -9.14 -12.21
C VAL B 183 24.77 -9.40 -13.34
N ILE B 184 24.12 -10.55 -13.28
CA ILE B 184 23.10 -10.94 -14.24
C ILE B 184 21.75 -10.88 -13.55
N VAL B 185 20.96 -9.91 -13.96
CA VAL B 185 19.67 -9.71 -13.37
C VAL B 185 18.61 -10.43 -14.18
N ASN B 186 17.81 -11.21 -13.47
CA ASN B 186 16.67 -11.93 -14.05
C ASN B 186 15.39 -11.29 -13.46
N PRO B 187 14.80 -10.33 -14.17
CA PRO B 187 13.56 -9.78 -13.64
C PRO B 187 12.48 -10.81 -13.86
N LEU B 188 11.92 -11.31 -12.77
CA LEU B 188 10.95 -12.39 -12.79
C LEU B 188 9.50 -11.98 -12.87
N ARG B 189 8.70 -12.75 -13.64
CA ARG B 189 7.27 -12.57 -13.69
C ARG B 189 6.74 -13.56 -12.71
N ILE B 190 6.22 -13.02 -11.62
CA ILE B 190 5.66 -13.81 -10.54
C ILE B 190 4.16 -13.63 -10.60
N LYS B 191 3.41 -14.74 -10.58
CA LYS B 191 1.95 -14.67 -10.57
C LYS B 191 1.53 -13.85 -9.36
N ASN B 192 0.56 -12.97 -9.55
CA ASN B 192 0.06 -12.10 -8.49
C ASN B 192 -0.27 -12.80 -7.17
N TRP B 193 -0.96 -13.93 -7.25
CA TRP B 193 -1.32 -14.61 -6.03
C TRP B 193 -0.13 -15.11 -5.22
N ILE B 194 1.03 -15.32 -5.86
CA ILE B 194 2.22 -15.74 -5.10
C ILE B 194 2.64 -14.61 -4.17
N ALA B 195 2.72 -13.41 -4.71
CA ALA B 195 3.04 -12.22 -3.92
C ALA B 195 1.98 -12.04 -2.83
N SER B 196 0.73 -12.26 -3.18
CA SER B 196 -0.36 -12.10 -2.25
C SER B 196 -0.26 -13.06 -1.09
N GLU B 197 0.10 -14.32 -1.39
CA GLU B 197 0.26 -15.34 -0.37
C GLU B 197 1.47 -15.01 0.50
N LEU B 198 2.55 -14.55 -0.12
CA LEU B 198 3.71 -14.18 0.65
C LEU B 198 3.36 -13.04 1.60
N GLU B 199 2.66 -12.02 1.11
CA GLU B 199 2.22 -10.88 1.95
C GLU B 199 1.33 -11.34 3.08
N ALA B 200 0.41 -12.28 2.81
CA ALA B 200 -0.49 -12.80 3.83
C ALA B 200 0.27 -13.53 4.94
N ARG B 201 1.46 -14.06 4.65
CA ARG B 201 2.27 -14.77 5.64
C ARG B 201 3.38 -13.95 6.24
N THR B 202 3.38 -12.66 5.99
CA THR B 202 4.48 -11.85 6.40
C THR B 202 4.14 -10.71 7.33
N VAL B 203 5.06 -10.48 8.28
CA VAL B 203 5.01 -9.37 9.19
C VAL B 203 6.39 -8.68 9.18
N LEU B 204 6.36 -7.36 8.96
CA LEU B 204 7.56 -6.54 8.94
C LEU B 204 7.46 -5.63 10.15
N TYR B 205 8.45 -5.76 11.04
CA TYR B 205 8.49 -5.04 12.29
C TYR B 205 9.76 -4.22 12.48
N PHE B 206 9.59 -2.92 12.65
CA PHE B 206 10.74 -2.07 12.92
C PHE B 206 10.92 -2.03 14.40
N THR B 207 12.14 -2.33 14.83
CA THR B 207 12.49 -2.41 16.25
C THR B 207 12.63 -1.09 16.98
N ASN B 208 13.02 -0.04 16.27
CA ASN B 208 13.28 1.28 16.87
C ASN B 208 14.37 1.20 17.90
N ILE B 209 15.50 0.60 17.53
CA ILE B 209 16.65 0.51 18.45
C ILE B 209 18.00 0.66 17.74
N THR B 210 18.15 1.77 17.02
CA THR B 210 19.40 2.09 16.29
C THR B 210 20.64 1.75 17.11
N SER B 229 30.69 -25.61 6.31
CA SER B 229 30.92 -24.25 5.84
C SER B 229 31.20 -24.23 4.34
N LEU B 230 32.21 -25.01 3.93
CA LEU B 230 32.59 -25.09 2.52
C LEU B 230 31.59 -25.95 1.75
N GLU B 231 30.94 -26.89 2.44
CA GLU B 231 29.92 -27.71 1.79
C GLU B 231 28.69 -26.82 1.62
N ALA B 232 28.55 -25.83 2.49
CA ALA B 232 27.45 -24.88 2.42
C ALA B 232 27.67 -23.97 1.22
N MSE B 233 28.93 -23.58 1.03
CA MSE B 233 29.33 -22.70 -0.07
C MSE B 233 29.13 -23.37 -1.42
O MSE B 233 28.74 -22.72 -2.39
CB MSE B 233 30.79 -22.30 0.13
CG MSE B 233 31.13 -20.94 -0.49
SE MSE B 233 32.81 -20.19 0.20
CE MSE B 233 32.09 -18.59 1.11
N HIS B 234 29.39 -24.68 -1.49
CA HIS B 234 29.30 -25.42 -2.76
C HIS B 234 27.88 -25.86 -3.15
N ALA B 235 26.92 -25.73 -2.24
CA ALA B 235 25.53 -26.10 -2.53
C ALA B 235 24.71 -24.85 -2.90
N ILE B 236 25.37 -23.69 -2.84
CA ILE B 236 24.74 -22.39 -3.14
C ILE B 236 24.07 -22.32 -4.51
N LYS B 237 24.76 -22.81 -5.54
CA LYS B 237 24.22 -22.78 -6.89
C LYS B 237 22.96 -23.64 -6.99
N GLN B 238 22.97 -24.79 -6.33
CA GLN B 238 21.81 -25.66 -6.40
C GLN B 238 20.65 -25.10 -5.60
N ASP B 239 20.94 -24.35 -4.53
CA ASP B 239 19.89 -23.70 -3.73
C ASP B 239 19.15 -22.71 -4.61
N ALA B 240 19.92 -22.02 -5.47
CA ALA B 240 19.41 -21.03 -6.40
C ALA B 240 18.49 -21.69 -7.42
N ILE B 241 18.97 -22.76 -8.06
CA ILE B 241 18.12 -23.48 -9.00
C ILE B 241 16.83 -23.92 -8.30
N LYS B 242 16.94 -24.38 -7.06
CA LYS B 242 15.76 -24.84 -6.34
C LYS B 242 14.78 -23.70 -6.03
N MSE B 243 15.28 -22.54 -5.64
CA MSE B 243 14.37 -21.42 -5.35
C MSE B 243 13.69 -20.98 -6.61
O MSE B 243 12.49 -20.73 -6.61
CB MSE B 243 15.08 -20.22 -4.75
CG MSE B 243 14.12 -19.28 -4.01
SE MSE B 243 15.31 -18.05 -2.99
CE MSE B 243 16.67 -19.25 -2.18
N LYS B 244 14.43 -20.90 -7.70
CA LYS B 244 13.85 -20.48 -8.98
C LYS B 244 12.82 -21.50 -9.43
N GLU B 245 13.15 -22.76 -9.25
CA GLU B 245 12.26 -23.82 -9.62
C GLU B 245 11.00 -23.69 -8.78
N ALA B 246 11.15 -23.39 -7.48
CA ALA B 246 9.97 -23.27 -6.63
C ALA B 246 9.13 -22.06 -7.00
N LEU B 247 9.79 -21.01 -7.47
CA LEU B 247 9.09 -19.79 -7.85
C LEU B 247 8.22 -20.02 -9.08
N PHE B 248 8.75 -20.60 -10.17
CA PHE B 248 7.88 -20.76 -11.34
C PHE B 248 6.82 -21.83 -11.13
N ARG B 249 7.09 -22.83 -10.31
CA ARG B 249 6.07 -23.85 -10.03
C ARG B 249 5.02 -23.34 -9.06
N ALA B 250 5.28 -22.19 -8.45
CA ALA B 250 4.37 -21.61 -7.48
C ALA B 250 4.17 -22.64 -6.36
N ASP B 251 5.28 -23.23 -5.96
CA ASP B 251 5.30 -24.26 -4.93
C ASP B 251 5.61 -23.63 -3.57
N PHE B 252 4.58 -23.35 -2.79
CA PHE B 252 4.79 -22.72 -1.50
C PHE B 252 5.41 -23.60 -0.47
N GLY B 253 5.06 -24.89 -0.50
CA GLY B 253 5.68 -25.82 0.41
C GLY B 253 7.17 -25.62 0.32
N THR B 254 7.72 -25.84 -0.87
CA THR B 254 9.15 -25.71 -1.13
C THR B 254 9.66 -24.30 -0.88
N LEU B 255 9.00 -23.32 -1.46
CA LEU B 255 9.45 -21.96 -1.28
C LEU B 255 9.59 -21.64 0.21
N ALA B 256 8.56 -21.94 0.97
CA ALA B 256 8.59 -21.68 2.41
C ALA B 256 9.69 -22.53 3.09
N GLN B 257 9.91 -23.73 2.58
N GLN B 257 9.91 -23.73 2.57
CA GLN B 257 10.94 -24.62 3.12
CA GLN B 257 10.93 -24.61 3.13
C GLN B 257 12.34 -24.05 2.90
C GLN B 257 12.33 -24.05 2.90
N ILE B 258 12.60 -23.55 1.69
CA ILE B 258 13.94 -22.99 1.37
C ILE B 258 14.15 -21.54 1.87
N LEU B 259 13.08 -20.75 1.99
CA LEU B 259 13.23 -19.41 2.55
C LEU B 259 13.53 -19.55 4.03
N GLY B 260 12.88 -20.51 4.69
CA GLY B 260 13.12 -20.76 6.11
C GLY B 260 14.56 -21.22 6.35
N LYS B 261 15.08 -22.01 5.40
CA LYS B 261 16.44 -22.53 5.48
C LYS B 261 17.44 -21.39 5.31
N SER B 262 17.28 -20.61 4.25
CA SER B 262 18.15 -19.47 3.96
C SER B 262 18.38 -18.62 5.21
N TRP B 263 17.52 -18.82 6.20
CA TRP B 263 17.55 -18.10 7.46
C TRP B 263 18.03 -19.00 8.60
N ARG B 264 19.13 -19.73 8.38
CA ARG B 264 19.69 -20.64 9.39
C ARG B 264 21.20 -20.67 9.26
N ASN B 275 20.82 -13.13 23.79
CA ASN B 275 22.03 -12.35 23.98
C ASN B 275 21.78 -10.86 23.66
N ASP B 276 20.93 -10.62 22.67
CA ASP B 276 20.58 -9.27 22.23
C ASP B 276 19.13 -8.94 22.62
N GLU B 277 18.66 -7.77 22.18
CA GLU B 277 17.28 -7.36 22.42
C GLU B 277 16.46 -7.97 21.26
N LEU B 278 17.13 -8.17 20.12
CA LEU B 278 16.53 -8.77 18.94
C LEU B 278 16.07 -10.19 19.24
N GLU B 279 16.92 -10.96 19.91
CA GLU B 279 16.59 -12.33 20.24
C GLU B 279 15.39 -12.43 21.20
N ARG B 280 15.16 -11.42 22.03
CA ARG B 280 14.01 -11.45 22.94
C ARG B 280 12.70 -11.36 22.15
N ILE B 281 12.62 -10.39 21.24
CA ILE B 281 11.43 -10.19 20.40
C ILE B 281 11.23 -11.35 19.41
N TYR B 282 12.33 -11.95 18.97
CA TYR B 282 12.25 -13.14 18.10
C TYR B 282 11.49 -14.21 18.88
N LYS B 283 11.90 -14.40 20.13
CA LYS B 283 11.24 -15.33 21.01
C LYS B 283 9.79 -14.94 21.21
N LEU B 284 9.53 -13.65 21.39
CA LEU B 284 8.17 -13.17 21.60
C LEU B 284 7.28 -13.41 20.37
N ALA B 285 7.85 -13.31 19.17
CA ALA B 285 7.09 -13.54 17.95
C ALA B 285 6.76 -15.02 17.78
N ILE B 286 7.73 -15.89 18.04
CA ILE B 286 7.51 -17.33 17.90
C ILE B 286 6.48 -17.83 18.91
N ASP B 287 6.51 -17.28 20.12
CA ASP B 287 5.51 -17.64 21.12
C ASP B 287 4.11 -17.16 20.70
N ASN B 288 4.01 -16.32 19.66
CA ASN B 288 2.68 -15.87 19.20
C ASN B 288 2.38 -16.32 17.78
N GLY B 289 3.15 -17.28 17.26
CA GLY B 289 2.84 -17.87 15.96
C GLY B 289 3.88 -17.83 14.85
N ALA B 290 4.82 -16.91 14.93
CA ALA B 290 5.84 -16.80 13.90
C ALA B 290 6.62 -18.11 13.84
N TYR B 291 6.77 -18.69 12.66
CA TYR B 291 7.54 -19.93 12.52
C TYR B 291 8.93 -19.69 11.93
N SER B 292 9.23 -18.44 11.60
CA SER B 292 10.51 -18.08 11.02
C SER B 292 10.72 -16.57 11.21
N GLY B 293 11.97 -16.15 11.37
CA GLY B 293 12.31 -14.76 11.61
C GLY B 293 13.68 -14.40 11.08
N LYS B 294 13.85 -13.13 10.77
CA LYS B 294 15.08 -12.67 10.15
C LYS B 294 15.22 -11.18 10.41
N THR B 295 16.47 -10.74 10.52
CA THR B 295 16.78 -9.32 10.71
C THR B 295 17.57 -8.89 9.49
N SER B 296 17.90 -7.61 9.41
CA SER B 296 18.71 -7.10 8.31
C SER B 296 19.03 -5.62 8.52
N GLY B 297 20.03 -5.12 7.80
CA GLY B 297 20.46 -3.72 7.90
C GLY B 297 21.95 -3.56 7.65
N ALA B 298 22.71 -2.97 8.59
CA ALA B 298 22.23 -2.45 9.87
C ALA B 298 21.41 -3.45 10.70
N GLY B 299 21.96 -4.66 10.86
CA GLY B 299 21.29 -5.71 11.62
C GLY B 299 21.27 -5.46 13.12
N ALA B 300 20.42 -4.52 13.53
CA ALA B 300 20.28 -4.16 14.94
C ALA B 300 19.00 -3.33 15.13
N GLY B 301 19.08 -2.04 14.79
CA GLY B 301 17.94 -1.14 14.93
C GLY B 301 17.03 -1.07 13.72
N GLY B 302 17.31 -1.91 12.71
CA GLY B 302 16.50 -1.91 11.52
C GLY B 302 15.16 -2.58 11.72
N PHE B 303 14.97 -3.69 11.02
CA PHE B 303 13.71 -4.41 11.04
C PHE B 303 13.86 -5.90 11.25
N MSE B 304 12.74 -6.52 11.57
CA MSE B 304 12.66 -7.96 11.66
C MSE B 304 11.54 -8.29 10.74
O MSE B 304 10.54 -7.58 10.66
CB MSE B 304 12.43 -8.44 13.08
CG MSE B 304 13.66 -8.11 13.89
SE MSE B 304 13.61 -9.23 15.49
CE MSE B 304 14.41 -10.80 14.64
N PHE B 305 11.70 -9.40 10.05
CA PHE B 305 10.76 -9.87 9.07
C PHE B 305 10.41 -11.27 9.54
N PHE B 306 9.12 -11.54 9.72
CA PHE B 306 8.67 -12.83 10.20
C PHE B 306 7.73 -13.54 9.23
N PHE B 307 7.66 -14.86 9.34
CA PHE B 307 6.69 -15.65 8.59
C PHE B 307 5.72 -16.22 9.61
N VAL B 308 4.43 -16.19 9.30
CA VAL B 308 3.36 -16.68 10.21
C VAL B 308 2.17 -17.19 9.39
N ASP B 309 1.42 -18.15 9.93
CA ASP B 309 0.23 -18.61 9.23
C ASP B 309 -0.74 -17.44 9.21
N PRO B 310 -1.35 -17.16 8.06
CA PRO B 310 -2.23 -16.00 8.01
C PRO B 310 -3.35 -16.01 9.05
N THR B 311 -3.82 -17.19 9.45
CA THR B 311 -4.88 -17.28 10.49
C THR B 311 -4.36 -16.89 11.87
N LYS B 312 -3.06 -16.68 11.96
CA LYS B 312 -2.42 -16.29 13.22
C LYS B 312 -1.81 -14.90 13.10
N LYS B 313 -1.76 -14.35 11.89
CA LYS B 313 -1.12 -13.08 11.67
C LYS B 313 -1.64 -11.93 12.52
N TYR B 314 -2.95 -11.86 12.75
CA TYR B 314 -3.48 -10.76 13.50
C TYR B 314 -3.01 -10.79 14.96
N ASN B 315 -3.14 -11.93 15.62
CA ASN B 315 -2.69 -12.05 17.01
C ASN B 315 -1.23 -11.63 17.15
N LEU B 316 -0.37 -12.14 16.26
CA LEU B 316 1.05 -11.80 16.28
C LEU B 316 1.27 -10.29 16.25
N ILE B 317 0.62 -9.63 15.28
CA ILE B 317 0.72 -8.17 15.12
C ILE B 317 0.27 -7.47 16.40
N LYS B 318 -0.81 -7.94 17.01
CA LYS B 318 -1.34 -7.33 18.24
C LYS B 318 -0.28 -7.40 19.34
N ALA B 319 0.38 -8.55 19.45
CA ALA B 319 1.44 -8.73 20.44
C ALA B 319 2.61 -7.76 20.22
N LEU B 320 3.04 -7.63 18.97
CA LEU B 320 4.16 -6.76 18.61
C LEU B 320 3.85 -5.26 18.81
N ARG B 321 2.59 -4.87 18.65
CA ARG B 321 2.21 -3.47 18.84
C ARG B 321 2.48 -3.04 20.27
N LYS B 322 2.41 -3.98 21.19
CA LYS B 322 2.64 -3.70 22.61
C LYS B 322 4.10 -3.37 22.91
N GLU B 323 5.01 -3.76 22.03
CA GLU B 323 6.44 -3.54 22.24
C GLU B 323 6.85 -2.15 21.79
N GLN B 324 8.14 -1.90 21.90
CA GLN B 324 8.73 -0.60 21.58
C GLN B 324 8.61 -0.22 20.12
N GLY B 325 8.91 -1.17 19.23
CA GLY B 325 8.87 -0.90 17.80
C GLY B 325 7.49 -0.71 17.20
N TYR B 326 7.37 -1.03 15.92
CA TYR B 326 6.07 -0.95 15.25
C TYR B 326 6.02 -1.85 14.05
N VAL B 327 4.82 -2.28 13.72
CA VAL B 327 4.59 -3.17 12.60
C VAL B 327 4.26 -2.31 11.41
N GLN B 328 4.87 -2.64 10.27
CA GLN B 328 4.65 -1.91 9.04
C GLN B 328 4.00 -2.82 7.99
N ASP B 329 2.78 -2.49 7.59
CA ASP B 329 2.13 -3.26 6.54
C ASP B 329 2.74 -2.83 5.22
N PHE B 330 2.75 -3.76 4.27
CA PHE B 330 3.28 -3.47 2.96
C PHE B 330 2.80 -4.49 1.96
N SER B 331 3.01 -4.20 0.70
CA SER B 331 2.74 -5.18 -0.32
C SER B 331 3.95 -5.15 -1.23
N PHE B 332 4.10 -6.20 -2.01
CA PHE B 332 5.14 -6.26 -3.00
C PHE B 332 4.64 -5.47 -4.22
N THR B 333 5.50 -4.63 -4.80
CA THR B 333 5.14 -3.79 -5.93
C THR B 333 5.63 -4.42 -7.21
N LYS B 334 4.94 -4.17 -8.30
CA LYS B 334 5.28 -4.77 -9.58
C LYS B 334 6.32 -3.98 -10.34
N GLU B 335 6.42 -2.68 -10.07
CA GLU B 335 7.35 -1.84 -10.80
C GLU B 335 8.34 -1.11 -9.93
N GLY B 336 9.33 -0.53 -10.61
CA GLY B 336 10.38 0.20 -9.96
C GLY B 336 10.04 1.67 -9.90
N VAL B 337 11.05 2.49 -10.10
CA VAL B 337 10.92 3.92 -10.03
C VAL B 337 9.92 4.43 -11.04
N LYS B 338 8.98 5.27 -10.59
CA LYS B 338 8.10 5.90 -11.54
C LYS B 338 8.24 7.42 -11.42
N SER B 339 7.89 8.10 -12.49
CA SER B 339 7.98 9.54 -12.55
C SER B 339 6.83 10.12 -13.32
N TRP B 340 6.52 11.39 -13.03
CA TRP B 340 5.48 12.08 -13.75
C TRP B 340 5.63 13.57 -13.63
N ARG B 341 5.05 14.27 -14.58
CA ARG B 341 5.12 15.71 -14.63
C ARG B 341 3.75 16.31 -14.34
N ILE B 342 3.71 17.39 -13.56
CA ILE B 342 2.46 18.08 -13.26
C ILE B 342 2.65 19.59 -13.36
CA CA C . 31.01 13.49 -4.88
#